data_2MGT
#
_entry.id   2MGT
#
_cell.length_a   1.000
_cell.length_b   1.000
_cell.length_c   1.000
_cell.angle_alpha   90.00
_cell.angle_beta   90.00
_cell.angle_gamma   90.00
#
_symmetry.space_group_name_H-M   'P 1'
#
loop_
_entity.id
_entity.type
_entity.pdbx_description
1 polymer 'Amyloid beta A4 protein'
2 non-polymer 'ZINC ION'
#
_entity_poly.entity_id   1
_entity_poly.type   'polypeptide(L)'
_entity_poly.pdbx_seq_one_letter_code
;(ACE)DAEFRRDSGYEVHHQK(NH2)
;
_entity_poly.pdbx_strand_id   A,B
#
loop_
_chem_comp.id
_chem_comp.type
_chem_comp.name
_chem_comp.formula
ACE non-polymer 'ACETYL GROUP' 'C2 H4 O'
NH2 non-polymer 'AMINO GROUP' 'H2 N'
ZN non-polymer 'ZINC ION' 'Zn 2'
#
# COMPACT_ATOMS: atom_id res chain seq x y z
C ACE A 1 14.02 -6.31 -1.87
O ACE A 1 15.11 -5.83 -2.19
CH3 ACE A 1 12.95 -5.42 -1.25
H1 ACE A 1 12.08 -5.98 -0.98
H2 ACE A 1 13.38 -4.94 -0.38
H3 ACE A 1 12.62 -4.66 -1.98
N ASP A 2 13.72 -7.61 -2.01
CA ASP A 2 14.63 -8.60 -2.54
C ASP A 2 13.88 -9.52 -3.51
N ALA A 3 14.62 -10.03 -4.49
CA ALA A 3 14.10 -10.46 -5.77
C ALA A 3 13.03 -11.55 -5.67
N GLU A 4 13.19 -12.51 -4.75
CA GLU A 4 12.33 -13.67 -4.57
C GLU A 4 10.88 -13.34 -4.22
N PHE A 5 10.63 -12.18 -3.58
CA PHE A 5 9.30 -11.70 -3.25
C PHE A 5 8.94 -10.39 -3.95
N ARG A 6 9.94 -9.73 -4.55
CA ARG A 6 9.75 -8.72 -5.58
C ARG A 6 9.35 -9.42 -6.88
N ARG A 7 8.12 -9.94 -6.84
CA ARG A 7 7.47 -10.70 -7.86
C ARG A 7 6.42 -9.78 -8.51
N ASP A 8 6.21 -10.03 -9.80
CA ASP A 8 5.23 -9.36 -10.65
C ASP A 8 3.82 -9.90 -10.41
N SER A 9 3.73 -11.11 -9.84
CA SER A 9 2.55 -11.92 -9.80
C SER A 9 1.61 -11.57 -8.65
N GLY A 10 1.81 -10.42 -7.97
CA GLY A 10 0.91 -9.91 -6.95
C GLY A 10 0.39 -8.60 -7.52
N TYR A 11 0.55 -7.45 -6.85
CA TYR A 11 1.10 -7.27 -5.54
C TYR A 11 0.83 -5.86 -5.06
N GLU A 12 0.84 -5.69 -3.75
CA GLU A 12 1.49 -4.57 -3.13
C GLU A 12 2.45 -5.12 -2.08
N VAL A 13 3.75 -5.14 -2.41
CA VAL A 13 4.81 -5.76 -1.63
C VAL A 13 4.96 -5.17 -0.24
N HIS A 14 4.40 -3.99 0.00
CA HIS A 14 4.49 -3.35 1.28
C HIS A 14 3.86 -4.16 2.42
N HIS A 15 2.97 -5.10 2.08
CA HIS A 15 2.29 -6.00 3.02
C HIS A 15 2.87 -7.42 3.04
N GLN A 16 3.96 -7.67 2.30
CA GLN A 16 4.79 -8.86 2.41
C GLN A 16 6.25 -8.52 2.71
N LYS A 17 7.02 -9.56 3.04
CA LYS A 17 8.33 -9.41 3.66
C LYS A 17 9.46 -9.92 2.76
N NH2 A 18 9.25 -11.00 2.01
HN1 NH2 A 18 9.99 -11.36 1.43
HN2 NH2 A 18 8.37 -11.50 2.07
C ACE B 1 -8.37 11.04 -2.84
O ACE B 1 -7.55 11.73 -3.46
CH3 ACE B 1 -8.15 9.53 -2.77
H1 ACE B 1 -8.97 9.05 -2.26
H2 ACE B 1 -8.09 9.11 -3.77
H3 ACE B 1 -7.22 9.32 -2.24
N ASP B 2 -9.43 11.53 -2.20
CA ASP B 2 -9.74 12.96 -2.10
C ASP B 2 -9.21 13.56 -0.79
N ALA B 3 -9.05 14.89 -0.76
CA ALA B 3 -8.34 15.64 0.27
C ALA B 3 -8.77 15.37 1.69
N GLU B 4 -10.05 15.07 1.90
CA GLU B 4 -10.66 14.95 3.21
C GLU B 4 -10.15 13.73 3.95
N PHE B 5 -9.85 12.66 3.20
CA PHE B 5 -9.34 11.39 3.69
C PHE B 5 -7.95 11.00 3.15
N ARG B 6 -7.38 11.82 2.25
CA ARG B 6 -5.95 11.95 2.04
C ARG B 6 -5.35 12.73 3.20
N ARG B 7 -5.21 12.01 4.32
CA ARG B 7 -4.81 12.46 5.62
C ARG B 7 -3.58 11.67 6.08
N ASP B 8 -2.76 12.30 6.93
CA ASP B 8 -1.71 11.63 7.69
C ASP B 8 -2.24 10.84 8.89
N SER B 9 -3.53 10.99 9.19
CA SER B 9 -4.20 10.44 10.36
C SER B 9 -4.50 8.93 10.25
N GLY B 10 -3.87 8.22 9.31
CA GLY B 10 -3.88 6.77 9.19
C GLY B 10 -2.43 6.38 8.94
N TYR B 11 -2.04 5.94 7.75
CA TYR B 11 -2.85 5.69 6.60
C TYR B 11 -1.98 5.09 5.49
N GLU B 12 -2.66 4.32 4.64
CA GLU B 12 -2.27 4.06 3.29
C GLU B 12 -3.57 4.06 2.46
N VAL B 13 -4.00 5.27 2.10
CA VAL B 13 -5.35 5.63 1.65
C VAL B 13 -5.81 4.81 0.45
N HIS B 14 -4.85 4.31 -0.32
CA HIS B 14 -5.10 3.74 -1.62
C HIS B 14 -5.99 2.50 -1.55
N HIS B 15 -6.09 1.87 -0.39
CA HIS B 15 -7.06 0.81 -0.14
C HIS B 15 -7.50 0.72 1.32
N GLN B 16 -7.12 1.70 2.14
CA GLN B 16 -7.61 1.90 3.47
C GLN B 16 -8.67 3.01 3.48
N LYS B 17 -9.45 3.01 4.56
CA LYS B 17 -10.51 3.97 4.82
C LYS B 17 -10.53 4.37 6.29
N NH2 B 18 -11.26 5.44 6.59
HN1 NH2 B 18 -11.33 5.76 7.55
HN2 NH2 B 18 -11.75 5.93 5.86
ZN ZN C . -1.25 -1.23 0.96
C ACE A 1 12.53 -5.97 -1.91
O ACE A 1 13.42 -5.79 -2.74
CH3 ACE A 1 11.59 -4.84 -1.55
H1 ACE A 1 11.49 -4.17 -2.41
H2 ACE A 1 10.61 -5.22 -1.28
H3 ACE A 1 12.01 -4.27 -0.71
N ASP A 2 12.38 -7.13 -1.28
CA ASP A 2 13.19 -8.30 -1.56
C ASP A 2 12.89 -8.85 -2.96
N ALA A 3 13.89 -9.47 -3.58
CA ALA A 3 13.78 -10.12 -4.87
C ALA A 3 12.62 -11.11 -4.92
N GLU A 4 12.48 -11.95 -3.91
CA GLU A 4 11.45 -12.98 -3.84
C GLU A 4 10.05 -12.42 -3.60
N PHE A 5 9.89 -11.15 -3.22
CA PHE A 5 8.58 -10.53 -3.10
C PHE A 5 8.31 -9.54 -4.23
N ARG A 6 9.34 -9.03 -4.91
CA ARG A 6 9.20 -8.27 -6.14
C ARG A 6 8.90 -9.24 -7.29
N ARG A 7 7.73 -9.89 -7.20
CA ARG A 7 7.19 -10.89 -8.11
C ARG A 7 6.18 -10.24 -9.06
N ASP A 8 6.01 -10.85 -10.23
CA ASP A 8 4.97 -10.49 -11.20
C ASP A 8 3.56 -10.76 -10.66
N SER A 9 3.35 -11.88 -9.97
CA SER A 9 2.06 -12.37 -9.51
C SER A 9 1.66 -11.74 -8.18
N GLY A 10 1.37 -10.43 -8.18
CA GLY A 10 0.86 -9.71 -7.04
C GLY A 10 0.55 -8.30 -7.52
N TYR A 11 0.86 -7.25 -6.79
CA TYR A 11 1.47 -7.18 -5.48
C TYR A 11 1.38 -5.74 -5.01
N GLU A 12 1.43 -5.57 -3.70
CA GLU A 12 2.02 -4.41 -3.08
C GLU A 12 2.82 -4.95 -1.91
N VAL A 13 4.14 -5.04 -2.15
CA VAL A 13 5.09 -5.77 -1.32
C VAL A 13 5.23 -5.18 0.07
N HIS A 14 4.76 -3.95 0.32
CA HIS A 14 4.79 -3.36 1.64
C HIS A 14 4.04 -4.18 2.69
N HIS A 15 3.07 -5.00 2.28
CA HIS A 15 2.22 -5.78 3.17
C HIS A 15 2.66 -7.24 3.28
N GLN A 16 3.80 -7.62 2.68
CA GLN A 16 4.29 -8.98 2.74
C GLN A 16 4.95 -9.25 4.10
N LYS A 17 6.19 -8.77 4.30
CA LYS A 17 6.98 -9.12 5.47
C LYS A 17 6.52 -8.41 6.74
N NH2 A 18 5.87 -7.26 6.64
HN1 NH2 A 18 5.69 -6.86 5.72
HN2 NH2 A 18 5.56 -6.77 7.47
C ACE B 1 -16.30 14.29 2.05
O ACE B 1 -16.99 13.27 2.03
CH3 ACE B 1 -16.95 15.66 1.93
H1 ACE B 1 -16.54 16.20 1.08
H2 ACE B 1 -18.03 15.54 1.82
H3 ACE B 1 -16.75 16.24 2.84
N ASP B 2 -14.97 14.28 2.17
CA ASP B 2 -14.12 13.10 2.36
C ASP B 2 -13.46 13.05 3.74
N ALA B 3 -13.42 14.18 4.46
CA ALA B 3 -12.67 14.39 5.69
C ALA B 3 -12.81 13.24 6.70
N GLU B 4 -13.99 12.65 6.80
CA GLU B 4 -14.35 11.59 7.74
C GLU B 4 -13.42 10.38 7.66
N PHE B 5 -12.93 10.02 6.47
CA PHE B 5 -11.93 8.99 6.30
C PHE B 5 -10.58 9.57 5.87
N ARG B 6 -10.53 10.83 5.41
CA ARG B 6 -9.29 11.55 5.21
C ARG B 6 -8.81 12.15 6.53
N ARG B 7 -8.73 11.27 7.53
CA ARG B 7 -8.19 11.47 8.86
C ARG B 7 -6.67 11.59 8.79
N ASP B 8 -6.08 12.31 9.74
CA ASP B 8 -4.64 12.50 9.87
C ASP B 8 -3.88 11.21 10.13
N SER B 9 -4.42 10.33 10.97
CA SER B 9 -3.71 9.18 11.51
C SER B 9 -3.79 8.03 10.52
N GLY B 10 -2.65 7.51 10.05
CA GLY B 10 -2.60 6.39 9.12
C GLY B 10 -1.24 6.46 8.41
N TYR B 11 -1.17 6.28 7.09
CA TYR B 11 -2.25 5.96 6.17
C TYR B 11 -1.68 5.54 4.83
N GLU B 12 -2.39 4.63 4.16
CA GLU B 12 -2.25 4.34 2.75
C GLU B 12 -3.66 4.25 2.14
N VAL B 13 -4.29 5.43 1.99
CA VAL B 13 -5.72 5.67 1.79
C VAL B 13 -6.36 4.86 0.65
N HIS B 14 -5.60 4.46 -0.38
CA HIS B 14 -6.15 3.76 -1.53
C HIS B 14 -6.67 2.34 -1.21
N HIS B 15 -6.39 1.81 -0.01
CA HIS B 15 -7.00 0.58 0.47
C HIS B 15 -8.37 0.78 1.11
N GLN B 16 -8.73 2.00 1.55
CA GLN B 16 -9.77 2.15 2.54
C GLN B 16 -11.17 2.03 1.97
N LYS B 17 -12.06 1.47 2.80
CA LYS B 17 -13.40 1.03 2.48
C LYS B 17 -14.43 1.58 3.48
N NH2 B 18 -14.01 2.31 4.52
HN1 NH2 B 18 -13.03 2.50 4.63
HN2 NH2 B 18 -14.68 2.68 5.17
ZN ZN C . -0.76 -0.81 0.50
C ACE A 1 11.98 -4.33 -2.13
O ACE A 1 11.94 -3.61 -3.13
CH3 ACE A 1 10.84 -4.28 -1.11
H1 ACE A 1 10.06 -3.61 -1.47
H2 ACE A 1 10.43 -5.28 -0.98
H3 ACE A 1 11.22 -3.93 -0.16
N ASP A 2 12.96 -5.19 -1.87
CA ASP A 2 14.05 -5.53 -2.77
C ASP A 2 13.51 -6.15 -4.08
N ALA A 3 14.37 -6.32 -5.09
CA ALA A 3 14.00 -6.69 -6.45
C ALA A 3 13.23 -8.02 -6.53
N GLU A 4 13.63 -9.00 -5.71
CA GLU A 4 12.97 -10.29 -5.53
C GLU A 4 11.55 -10.21 -4.99
N PHE A 5 11.10 -9.03 -4.52
CA PHE A 5 9.74 -8.75 -4.13
C PHE A 5 9.03 -7.84 -5.12
N ARG A 6 9.75 -7.00 -5.87
CA ARG A 6 9.21 -6.19 -6.95
C ARG A 6 8.76 -7.03 -8.17
N ARG A 7 8.54 -8.34 -7.98
CA ARG A 7 7.94 -9.26 -8.93
C ARG A 7 6.58 -8.74 -9.41
N ASP A 8 6.28 -8.95 -10.69
CA ASP A 8 4.97 -8.77 -11.28
C ASP A 8 3.98 -9.81 -10.74
N SER A 9 4.49 -10.93 -10.21
CA SER A 9 3.75 -12.10 -9.76
C SER A 9 2.80 -11.83 -8.59
N GLY A 10 2.71 -10.61 -8.05
CA GLY A 10 1.72 -10.21 -7.06
C GLY A 10 0.98 -9.00 -7.62
N TYR A 11 0.98 -7.83 -6.97
CA TYR A 11 1.68 -7.51 -5.74
C TYR A 11 1.28 -6.13 -5.23
N GLU A 12 1.22 -5.98 -3.90
CA GLU A 12 1.42 -4.70 -3.26
C GLU A 12 2.48 -4.92 -2.16
N VAL A 13 3.75 -4.91 -2.59
CA VAL A 13 4.96 -5.34 -1.88
C VAL A 13 5.09 -4.76 -0.48
N HIS A 14 4.51 -3.59 -0.23
CA HIS A 14 4.49 -2.95 1.06
C HIS A 14 3.94 -3.85 2.17
N HIS A 15 3.04 -4.80 1.90
CA HIS A 15 2.46 -5.67 2.92
C HIS A 15 3.22 -6.99 3.14
N GLN A 16 4.32 -7.22 2.42
CA GLN A 16 5.08 -8.46 2.45
C GLN A 16 6.56 -8.14 2.54
N LYS A 17 7.12 -7.56 1.48
CA LYS A 17 8.49 -7.05 1.35
C LYS A 17 9.58 -8.09 1.63
N NH2 A 18 9.27 -9.37 1.84
HN1 NH2 A 18 8.30 -9.67 1.82
HN2 NH2 A 18 9.99 -10.05 2.03
C ACE B 1 -5.95 9.67 -3.22
O ACE B 1 -4.96 10.37 -3.01
CH3 ACE B 1 -5.80 8.17 -3.45
H1 ACE B 1 -6.47 7.62 -2.81
H2 ACE B 1 -6.05 7.95 -4.49
H3 ACE B 1 -4.77 7.86 -3.26
N ASP B 2 -7.20 10.14 -3.28
CA ASP B 2 -7.61 11.53 -3.37
C ASP B 2 -7.04 12.40 -2.24
N ALA B 3 -6.90 13.71 -2.52
CA ALA B 3 -6.44 14.74 -1.59
C ALA B 3 -7.18 14.72 -0.26
N GLU B 4 -8.51 14.55 -0.28
CA GLU B 4 -9.33 14.47 0.92
C GLU B 4 -8.98 13.30 1.85
N PHE B 5 -8.25 12.30 1.35
CA PHE B 5 -7.75 11.16 2.10
C PHE B 5 -6.26 11.23 2.37
N ARG B 6 -5.53 12.14 1.72
CA ARG B 6 -4.15 12.50 2.02
C ARG B 6 -4.09 13.38 3.28
N ARG B 7 -4.74 12.91 4.35
CA ARG B 7 -4.90 13.56 5.64
C ARG B 7 -3.77 13.14 6.60
N ASP B 8 -3.69 13.77 7.77
CA ASP B 8 -2.53 13.63 8.66
C ASP B 8 -2.40 12.26 9.34
N SER B 9 -3.50 11.58 9.67
CA SER B 9 -3.49 10.36 10.48
C SER B 9 -3.97 9.12 9.72
N GLY B 10 -3.18 8.04 9.77
CA GLY B 10 -3.43 6.74 9.19
C GLY B 10 -2.06 6.08 9.00
N TYR B 11 -1.68 5.55 7.83
CA TYR B 11 -2.41 5.43 6.60
C TYR B 11 -1.60 4.64 5.58
N GLU B 12 -2.33 3.88 4.77
CA GLU B 12 -2.03 3.73 3.37
C GLU B 12 -3.35 4.03 2.64
N VAL B 13 -3.40 5.20 2.01
CA VAL B 13 -4.60 5.82 1.44
C VAL B 13 -5.22 5.02 0.31
N HIS B 14 -4.46 4.10 -0.30
CA HIS B 14 -4.98 3.23 -1.33
C HIS B 14 -6.10 2.33 -0.79
N HIS B 15 -6.13 2.06 0.52
CA HIS B 15 -7.13 1.22 1.15
C HIS B 15 -8.35 2.00 1.65
N GLN B 16 -8.29 3.34 1.75
CA GLN B 16 -9.42 4.18 2.10
C GLN B 16 -10.60 3.94 1.16
N LYS B 17 -10.32 3.66 -0.12
CA LYS B 17 -11.28 3.38 -1.18
C LYS B 17 -10.87 2.09 -1.92
N NH2 B 18 -11.76 1.57 -2.76
HN1 NH2 B 18 -12.67 1.99 -2.88
HN2 NH2 B 18 -11.53 0.73 -3.28
ZN ZN C . -1.58 -1.50 0.68
C ACE A 1 13.90 -4.22 -5.52
O ACE A 1 14.24 -4.15 -6.70
CH3 ACE A 1 13.64 -2.94 -4.75
H1 ACE A 1 14.29 -2.90 -3.87
H2 ACE A 1 13.85 -2.07 -5.38
H3 ACE A 1 12.60 -2.90 -4.43
N ASP A 2 13.73 -5.38 -4.89
CA ASP A 2 13.90 -6.68 -5.53
C ASP A 2 12.93 -6.86 -6.69
N ALA A 3 13.50 -7.02 -7.89
CA ALA A 3 12.76 -7.18 -9.12
C ALA A 3 11.96 -8.47 -9.11
N GLU A 4 12.54 -9.57 -8.66
CA GLU A 4 11.92 -10.88 -8.64
C GLU A 4 10.60 -10.90 -7.84
N PHE A 5 10.39 -9.97 -6.90
CA PHE A 5 9.14 -9.82 -6.16
C PHE A 5 8.20 -8.75 -6.70
N ARG A 6 8.67 -7.82 -7.54
CA ARG A 6 7.87 -6.71 -8.05
C ARG A 6 6.84 -7.12 -9.12
N ARG A 7 6.52 -8.42 -9.19
CA ARG A 7 5.82 -9.10 -10.27
C ARG A 7 4.35 -8.70 -10.40
N ASP A 8 3.77 -9.00 -11.57
CA ASP A 8 2.32 -9.00 -11.82
C ASP A 8 1.57 -9.98 -10.92
N SER A 9 2.29 -10.89 -10.27
CA SER A 9 1.82 -11.91 -9.34
C SER A 9 1.15 -11.35 -8.08
N GLY A 10 1.10 -10.02 -7.90
CA GLY A 10 0.33 -9.35 -6.88
C GLY A 10 -0.09 -7.99 -7.46
N TYR A 11 0.32 -6.85 -6.90
CA TYR A 11 1.21 -6.73 -5.78
C TYR A 11 1.20 -5.32 -5.20
N GLU A 12 1.37 -5.30 -3.88
CA GLU A 12 1.99 -4.21 -3.17
C GLU A 12 2.94 -4.92 -2.19
N VAL A 13 4.18 -5.15 -2.64
CA VAL A 13 5.17 -6.02 -2.03
C VAL A 13 5.41 -5.67 -0.56
N HIS A 14 5.18 -4.42 -0.16
CA HIS A 14 5.46 -3.98 1.19
C HIS A 14 4.58 -4.63 2.25
N HIS A 15 3.49 -5.31 1.87
CA HIS A 15 2.67 -6.06 2.82
C HIS A 15 3.10 -7.51 2.95
N GLN A 16 4.08 -7.98 2.19
CA GLN A 16 4.54 -9.36 2.17
C GLN A 16 6.03 -9.44 2.51
N LYS A 17 6.81 -8.43 2.12
CA LYS A 17 8.21 -8.24 2.51
C LYS A 17 8.40 -6.81 3.02
N NH2 A 18 9.53 -6.54 3.67
HN1 NH2 A 18 9.69 -5.62 4.04
HN2 NH2 A 18 10.22 -7.26 3.79
C ACE B 1 -6.99 10.10 -3.71
O ACE B 1 -6.05 10.66 -4.25
CH3 ACE B 1 -6.90 8.61 -3.43
H1 ACE B 1 -7.26 8.07 -4.29
H2 ACE B 1 -5.86 8.35 -3.23
H3 ACE B 1 -7.51 8.37 -2.56
N ASP B 2 -8.11 10.73 -3.35
CA ASP B 2 -8.38 12.16 -3.47
C ASP B 2 -7.69 12.95 -2.36
N ALA B 3 -7.54 14.27 -2.53
CA ALA B 3 -6.77 15.11 -1.61
C ALA B 3 -7.29 15.05 -0.18
N GLU B 4 -8.61 15.14 0.02
CA GLU B 4 -9.22 15.09 1.35
C GLU B 4 -9.06 13.74 2.06
N PHE B 5 -8.56 12.70 1.36
CA PHE B 5 -8.18 11.41 1.94
C PHE B 5 -6.67 11.26 2.11
N ARG B 6 -5.84 11.95 1.31
CA ARG B 6 -4.39 12.01 1.46
C ARG B 6 -3.99 12.86 2.67
N ARG B 7 -4.65 12.63 3.81
CA ARG B 7 -4.46 13.22 5.12
C ARG B 7 -3.46 12.43 5.95
N ASP B 8 -2.93 13.05 7.00
CA ASP B 8 -2.03 12.42 7.96
C ASP B 8 -2.75 11.41 8.86
N SER B 9 -4.06 11.58 9.12
CA SER B 9 -4.83 10.70 9.98
C SER B 9 -5.09 9.36 9.29
N GLY B 10 -4.24 8.37 9.56
CA GLY B 10 -4.30 7.02 9.04
C GLY B 10 -2.83 6.59 8.93
N TYR B 11 -2.32 6.20 7.76
CA TYR B 11 -3.02 5.93 6.54
C TYR B 11 -2.11 5.22 5.55
N GLU B 12 -2.69 4.34 4.76
CA GLU B 12 -2.26 4.06 3.41
C GLU B 12 -3.54 4.12 2.57
N VAL B 13 -3.83 5.30 2.01
CA VAL B 13 -5.08 5.65 1.32
C VAL B 13 -5.40 4.70 0.17
N HIS B 14 -4.41 3.97 -0.34
CA HIS B 14 -4.56 2.97 -1.35
C HIS B 14 -5.55 1.86 -0.98
N HIS B 15 -5.88 1.64 0.31
CA HIS B 15 -6.88 0.66 0.73
C HIS B 15 -8.16 1.30 1.27
N GLN B 16 -8.33 2.64 1.20
CA GLN B 16 -9.41 3.35 1.88
C GLN B 16 -10.81 2.88 1.48
N LYS B 17 -11.00 2.58 0.18
CA LYS B 17 -12.22 2.04 -0.42
C LYS B 17 -12.55 0.63 0.07
N NH2 B 18 -11.58 -0.15 0.55
HN1 NH2 B 18 -10.64 0.22 0.64
HN2 NH2 B 18 -11.80 -1.08 0.88
ZN ZN C . -0.84 -1.16 1.05
C ACE A 1 11.94 -7.09 -1.18
O ACE A 1 12.64 -6.45 -1.95
CH3 ACE A 1 10.95 -6.36 -0.29
H1 ACE A 1 9.94 -6.72 -0.50
H2 ACE A 1 11.18 -6.56 0.76
H3 ACE A 1 11.00 -5.30 -0.47
N ASP A 2 12.01 -8.42 -1.06
CA ASP A 2 12.92 -9.26 -1.83
C ASP A 2 12.40 -9.48 -3.25
N ALA A 3 13.33 -9.69 -4.19
CA ALA A 3 13.07 -9.83 -5.62
C ALA A 3 12.08 -10.95 -5.91
N GLU A 4 12.19 -12.07 -5.21
CA GLU A 4 11.30 -13.21 -5.33
C GLU A 4 9.83 -12.88 -5.10
N PHE A 5 9.50 -11.77 -4.42
CA PHE A 5 8.13 -11.28 -4.20
C PHE A 5 7.74 -10.13 -5.11
N ARG A 6 8.69 -9.50 -5.82
CA ARG A 6 8.43 -8.47 -6.81
C ARG A 6 7.86 -9.08 -8.11
N ARG A 7 6.93 -10.03 -7.98
CA ARG A 7 6.35 -10.83 -9.05
C ARG A 7 5.10 -10.17 -9.64
N ASP A 8 4.82 -10.47 -10.91
CA ASP A 8 3.61 -10.03 -11.60
C ASP A 8 2.32 -10.58 -10.96
N SER A 9 2.47 -11.58 -10.09
CA SER A 9 1.44 -12.17 -9.26
C SER A 9 0.65 -11.20 -8.38
N GLY A 10 1.10 -9.94 -8.20
CA GLY A 10 0.43 -8.97 -7.37
C GLY A 10 0.70 -7.57 -7.96
N TYR A 11 1.14 -6.58 -7.19
CA TYR A 11 1.63 -6.70 -5.84
C TYR A 11 1.81 -5.34 -5.19
N GLU A 12 1.72 -5.33 -3.86
CA GLU A 12 2.21 -4.29 -2.98
C GLU A 12 2.95 -4.96 -1.81
N VAL A 13 4.12 -5.54 -2.12
CA VAL A 13 4.92 -6.50 -1.35
C VAL A 13 5.20 -6.10 0.09
N HIS A 14 5.20 -4.81 0.43
CA HIS A 14 5.53 -4.34 1.76
C HIS A 14 4.42 -4.64 2.77
N HIS A 15 3.25 -5.17 2.37
CA HIS A 15 2.31 -5.80 3.30
C HIS A 15 2.56 -7.30 3.52
N GLN A 16 3.55 -7.90 2.85
CA GLN A 16 3.76 -9.33 2.75
C GLN A 16 5.21 -9.71 3.05
N LYS A 17 5.44 -10.99 3.34
CA LYS A 17 6.73 -11.52 3.76
C LYS A 17 7.68 -11.72 2.58
N NH2 A 18 7.17 -12.08 1.40
HN1 NH2 A 18 7.79 -12.25 0.62
HN2 NH2 A 18 6.18 -12.26 1.31
C ACE B 1 -13.49 3.69 2.13
O ACE B 1 -14.24 4.64 2.33
CH3 ACE B 1 -12.41 3.82 1.06
H1 ACE B 1 -11.50 4.23 1.53
H2 ACE B 1 -12.19 2.86 0.63
H3 ACE B 1 -12.74 4.48 0.27
N ASP B 2 -13.58 2.53 2.78
CA ASP B 2 -14.62 2.23 3.75
C ASP B 2 -14.31 2.85 5.11
N ALA B 3 -15.35 3.14 5.90
CA ALA B 3 -15.34 4.00 7.09
C ALA B 3 -14.20 3.70 8.07
N GLU B 4 -13.88 2.43 8.34
CA GLU B 4 -12.89 2.02 9.32
C GLU B 4 -11.45 2.47 9.02
N PHE B 5 -11.11 2.67 7.74
CA PHE B 5 -9.81 3.17 7.33
C PHE B 5 -9.92 4.51 6.62
N ARG B 6 -11.13 4.94 6.26
CA ARG B 6 -11.46 6.27 5.82
C ARG B 6 -11.54 7.15 7.07
N ARG B 7 -10.37 7.58 7.54
CA ARG B 7 -10.12 8.22 8.81
C ARG B 7 -9.59 9.64 8.59
N ASP B 8 -9.35 10.37 9.69
CA ASP B 8 -8.63 11.64 9.65
C ASP B 8 -7.17 11.44 9.18
N SER B 9 -6.53 10.34 9.60
CA SER B 9 -5.11 10.02 9.43
C SER B 9 -4.90 8.50 9.36
N GLY B 10 -3.67 8.06 9.06
CA GLY B 10 -3.39 6.65 8.93
C GLY B 10 -1.92 6.43 8.55
N TYR B 11 -1.59 6.15 7.28
CA TYR B 11 -2.52 5.99 6.18
C TYR B 11 -1.86 5.33 4.98
N GLU B 12 -2.67 4.54 4.28
CA GLU B 12 -2.53 4.33 2.87
C GLU B 12 -3.93 4.50 2.26
N VAL B 13 -4.36 5.76 2.09
CA VAL B 13 -5.69 6.20 1.66
C VAL B 13 -6.28 5.32 0.56
N HIS B 14 -5.45 4.87 -0.39
CA HIS B 14 -5.90 4.10 -1.53
C HIS B 14 -6.63 2.81 -1.16
N HIS B 15 -6.36 2.19 0.01
CA HIS B 15 -7.04 0.94 0.38
C HIS B 15 -6.91 0.52 1.85
N GLN B 16 -6.17 1.23 2.72
CA GLN B 16 -5.76 0.66 4.00
C GLN B 16 -5.45 1.73 5.05
N LYS B 17 -5.43 1.31 6.31
CA LYS B 17 -5.22 2.11 7.50
C LYS B 17 -3.82 2.73 7.57
N NH2 B 18 -2.84 2.22 6.83
HN1 NH2 B 18 -3.02 1.44 6.22
HN2 NH2 B 18 -1.91 2.62 6.89
ZN ZN C . -1.13 -0.94 0.62
C ACE A 1 11.33 -5.04 -1.16
O ACE A 1 11.33 -4.63 -2.31
CH3 ACE A 1 10.41 -4.41 -0.13
H1 ACE A 1 9.79 -3.66 -0.62
H2 ACE A 1 9.79 -5.17 0.34
H3 ACE A 1 11.02 -3.91 0.63
N ASP A 2 12.12 -6.02 -0.72
CA ASP A 2 13.29 -6.54 -1.43
C ASP A 2 12.98 -7.21 -2.77
N ALA A 3 14.05 -7.47 -3.55
CA ALA A 3 14.04 -7.97 -4.91
C ALA A 3 13.20 -9.23 -5.09
N GLU A 4 13.30 -10.16 -4.15
CA GLU A 4 12.54 -11.41 -4.08
C GLU A 4 11.03 -11.20 -4.00
N PHE A 5 10.57 -10.01 -3.61
CA PHE A 5 9.16 -9.62 -3.59
C PHE A 5 8.83 -8.63 -4.69
N ARG A 6 9.82 -7.97 -5.30
CA ARG A 6 9.64 -7.14 -6.49
C ARG A 6 9.38 -7.98 -7.75
N ARG A 7 8.96 -9.24 -7.59
CA ARG A 7 8.39 -10.09 -8.61
C ARG A 7 7.15 -9.43 -9.22
N ASP A 8 6.87 -9.73 -10.48
CA ASP A 8 5.58 -9.41 -11.08
C ASP A 8 4.43 -10.15 -10.40
N SER A 9 4.71 -11.31 -9.80
CA SER A 9 3.71 -12.18 -9.19
C SER A 9 3.21 -11.61 -7.86
N GLY A 10 2.14 -10.81 -7.91
CA GLY A 10 1.45 -10.22 -6.78
C GLY A 10 0.68 -9.01 -7.32
N TYR A 11 0.78 -7.83 -6.74
CA TYR A 11 1.46 -7.46 -5.51
C TYR A 11 0.99 -6.10 -5.00
N GLU A 12 1.14 -5.92 -3.69
CA GLU A 12 1.56 -4.66 -3.11
C GLU A 12 2.57 -5.01 -2.00
N VAL A 13 3.86 -4.97 -2.35
CA VAL A 13 5.00 -5.40 -1.53
C VAL A 13 5.10 -4.67 -0.18
N HIS A 14 4.40 -3.55 -0.03
CA HIS A 14 4.31 -2.81 1.21
C HIS A 14 3.65 -3.64 2.32
N HIS A 15 2.78 -4.61 2.01
CA HIS A 15 2.25 -5.55 3.02
C HIS A 15 3.13 -6.78 3.20
N GLN A 16 4.11 -7.02 2.32
CA GLN A 16 5.02 -8.15 2.39
C GLN A 16 6.21 -7.86 3.29
N LYS A 17 6.62 -6.59 3.37
CA LYS A 17 7.77 -6.12 4.13
C LYS A 17 7.69 -4.60 4.26
N NH2 A 18 8.34 -4.03 5.28
HN1 NH2 A 18 8.31 -3.04 5.41
HN2 NH2 A 18 8.88 -4.61 5.91
C ACE B 1 -6.51 17.97 -1.63
O ACE B 1 -7.32 17.71 -0.75
CH3 ACE B 1 -6.72 19.17 -2.54
H1 ACE B 1 -7.70 19.58 -2.38
H2 ACE B 1 -5.95 19.92 -2.34
H3 ACE B 1 -6.62 18.85 -3.59
N ASP B 2 -5.44 17.20 -1.87
CA ASP B 2 -5.25 15.90 -1.25
C ASP B 2 -4.85 15.95 0.21
N ALA B 3 -4.08 16.96 0.61
CA ALA B 3 -3.34 17.00 1.86
C ALA B 3 -4.21 16.61 3.05
N GLU B 4 -5.42 17.19 3.12
CA GLU B 4 -6.36 17.06 4.22
C GLU B 4 -6.83 15.65 4.54
N PHE B 5 -6.76 14.70 3.59
CA PHE B 5 -7.10 13.31 3.80
C PHE B 5 -5.89 12.40 3.61
N ARG B 6 -4.83 12.89 2.93
CA ARG B 6 -3.51 12.30 2.98
C ARG B 6 -2.86 12.73 4.29
N ARG B 7 -3.39 12.20 5.40
CA ARG B 7 -3.06 12.53 6.77
C ARG B 7 -2.05 11.54 7.32
N ASP B 8 -1.17 12.02 8.21
CA ASP B 8 -0.23 11.18 8.95
C ASP B 8 -0.93 10.20 9.89
N SER B 9 -2.21 10.48 10.16
CA SER B 9 -3.13 9.80 11.06
C SER B 9 -3.46 8.36 10.69
N GLY B 10 -2.84 7.80 9.65
CA GLY B 10 -2.90 6.40 9.29
C GLY B 10 -1.51 6.03 8.78
N TYR B 11 -1.32 5.73 7.49
CA TYR B 11 -2.32 5.66 6.46
C TYR B 11 -1.70 5.06 5.22
N GLU B 12 -2.51 4.29 4.51
CA GLU B 12 -2.34 3.98 3.12
C GLU B 12 -3.70 4.20 2.44
N VAL B 13 -4.06 5.49 2.32
CA VAL B 13 -5.36 6.03 1.92
C VAL B 13 -5.99 5.29 0.74
N HIS B 14 -5.14 4.89 -0.22
CA HIS B 14 -5.58 4.49 -1.54
C HIS B 14 -6.41 3.21 -1.55
N HIS B 15 -6.33 2.37 -0.50
CA HIS B 15 -7.31 1.31 -0.29
C HIS B 15 -7.67 1.14 1.19
N GLN B 16 -7.15 1.99 2.09
CA GLN B 16 -7.68 2.19 3.42
C GLN B 16 -8.82 3.23 3.36
N LYS B 17 -9.16 3.87 4.50
CA LYS B 17 -10.31 4.75 4.62
C LYS B 17 -10.16 6.08 3.84
N NH2 B 18 -9.07 6.31 3.10
HN1 NH2 B 18 -8.36 5.61 3.02
HN2 NH2 B 18 -9.00 7.18 2.59
ZN ZN C . -1.66 -1.38 0.56
C ACE A 1 11.27 -7.61 -0.30
O ACE A 1 11.81 -6.71 -0.94
CH3 ACE A 1 10.13 -7.28 0.65
H1 ACE A 1 9.83 -6.24 0.51
H2 ACE A 1 9.29 -7.94 0.45
H3 ACE A 1 10.46 -7.42 1.67
N ASP A 2 11.63 -8.90 -0.36
CA ASP A 2 12.81 -9.40 -1.07
C ASP A 2 12.57 -9.56 -2.57
N ALA A 3 13.64 -9.91 -3.31
CA ALA A 3 13.72 -9.90 -4.77
C ALA A 3 12.69 -10.83 -5.43
N GLU A 4 12.48 -12.01 -4.85
CA GLU A 4 11.46 -12.99 -5.20
C GLU A 4 10.02 -12.47 -5.11
N PHE A 5 9.78 -11.33 -4.46
CA PHE A 5 8.48 -10.70 -4.33
C PHE A 5 8.37 -9.41 -5.14
N ARG A 6 9.46 -8.86 -5.68
CA ARG A 6 9.46 -7.66 -6.52
C ARG A 6 8.97 -7.96 -7.94
N ARG A 7 8.07 -8.95 -8.09
CA ARG A 7 7.54 -9.51 -9.32
C ARG A 7 6.38 -8.67 -9.86
N ASP A 8 6.05 -8.85 -11.15
CA ASP A 8 4.77 -8.38 -11.69
C ASP A 8 3.58 -9.16 -11.12
N SER A 9 3.85 -10.33 -10.53
CA SER A 9 2.89 -11.32 -10.05
C SER A 9 2.02 -10.86 -8.85
N GLY A 10 1.97 -9.57 -8.51
CA GLY A 10 1.00 -9.01 -7.59
C GLY A 10 0.74 -7.58 -8.03
N TYR A 11 0.99 -6.56 -7.20
CA TYR A 11 1.61 -6.63 -5.90
C TYR A 11 1.53 -5.29 -5.19
N GLU A 12 1.46 -5.38 -3.88
CA GLU A 12 1.93 -4.36 -2.97
C GLU A 12 2.75 -5.10 -1.90
N VAL A 13 4.06 -5.25 -2.17
CA VAL A 13 5.04 -6.10 -1.48
C VAL A 13 5.20 -5.78 0.00
N HIS A 14 4.82 -4.58 0.45
CA HIS A 14 4.86 -4.26 1.86
C HIS A 14 3.84 -5.11 2.65
N HIS A 15 2.86 -5.72 1.98
CA HIS A 15 1.90 -6.63 2.60
C HIS A 15 2.24 -8.11 2.38
N GLN A 16 3.22 -8.44 1.52
CA GLN A 16 3.94 -9.70 1.63
C GLN A 16 4.59 -9.79 3.01
N LYS A 17 5.16 -8.66 3.44
CA LYS A 17 5.78 -8.43 4.73
C LYS A 17 4.73 -8.18 5.84
N NH2 A 18 3.44 -8.06 5.51
HN1 NH2 A 18 2.75 -7.91 6.24
HN2 NH2 A 18 3.15 -8.14 4.55
C ACE B 1 -9.09 7.83 -5.81
O ACE B 1 -8.52 8.61 -6.56
CH3 ACE B 1 -8.84 6.33 -5.96
H1 ACE B 1 -8.34 6.14 -6.91
H2 ACE B 1 -8.21 5.98 -5.16
H3 ACE B 1 -9.80 5.79 -5.96
N ASP B 2 -9.93 8.23 -4.84
CA ASP B 2 -10.43 9.60 -4.70
C ASP B 2 -9.57 10.48 -3.79
N ALA B 3 -9.54 11.78 -4.12
CA ALA B 3 -8.76 12.80 -3.44
C ALA B 3 -9.16 12.99 -1.97
N GLU B 4 -10.43 12.80 -1.65
CA GLU B 4 -10.97 12.80 -0.29
C GLU B 4 -10.33 11.76 0.62
N PHE B 5 -9.79 10.67 0.07
CA PHE B 5 -9.06 9.67 0.84
C PHE B 5 -7.57 9.89 0.79
N ARG B 6 -7.07 10.68 -0.18
CA ARG B 6 -5.66 11.01 -0.33
C ARG B 6 -5.19 12.04 0.73
N ARG B 7 -5.79 11.98 1.93
CA ARG B 7 -5.43 12.78 3.08
C ARG B 7 -4.27 12.12 3.83
N ASP B 8 -3.55 12.92 4.62
CA ASP B 8 -2.57 12.45 5.60
C ASP B 8 -3.22 11.67 6.76
N SER B 9 -4.54 11.74 6.87
CA SER B 9 -5.35 11.35 8.01
C SER B 9 -5.54 9.83 8.11
N GLY B 10 -4.44 9.09 8.23
CA GLY B 10 -4.39 7.64 8.33
C GLY B 10 -2.91 7.25 8.38
N TYR B 11 -2.39 6.52 7.41
CA TYR B 11 -3.05 6.00 6.23
C TYR B 11 -2.12 5.01 5.53
N GLU B 12 -2.74 4.13 4.77
CA GLU B 12 -2.31 3.87 3.41
C GLU B 12 -3.56 3.88 2.55
N VAL B 13 -3.64 4.86 1.64
CA VAL B 13 -4.85 5.28 0.96
C VAL B 13 -5.38 4.25 -0.02
N HIS B 14 -4.57 3.25 -0.44
CA HIS B 14 -5.09 2.15 -1.23
C HIS B 14 -6.11 1.32 -0.44
N HIS B 15 -6.20 1.46 0.88
CA HIS B 15 -7.08 0.67 1.73
C HIS B 15 -7.75 1.52 2.82
N GLN B 16 -7.00 1.94 3.84
CA GLN B 16 -7.54 2.24 5.16
C GLN B 16 -6.62 3.15 5.98
N LYS B 17 -7.21 3.76 7.01
CA LYS B 17 -6.55 4.73 7.86
C LYS B 17 -5.72 4.09 8.96
N NH2 B 18 -6.10 2.92 9.46
HN1 NH2 B 18 -6.94 2.47 9.11
HN2 NH2 B 18 -5.57 2.48 10.19
ZN ZN C . -1.12 -1.26 0.94
C ACE A 1 10.53 -4.08 -1.24
O ACE A 1 10.85 -3.27 -2.11
CH3 ACE A 1 9.35 -3.77 -0.34
H1 ACE A 1 9.47 -2.75 0.05
H2 ACE A 1 8.44 -3.83 -0.92
H3 ACE A 1 9.32 -4.45 0.50
N ASP A 2 11.20 -5.22 -1.04
CA ASP A 2 12.46 -5.55 -1.68
C ASP A 2 12.30 -5.81 -3.18
N ALA A 3 13.36 -5.55 -3.96
CA ALA A 3 13.38 -5.55 -5.41
C ALA A 3 12.87 -6.84 -6.02
N GLU A 4 13.29 -7.99 -5.49
CA GLU A 4 12.89 -9.31 -5.95
C GLU A 4 11.39 -9.58 -5.86
N PHE A 5 10.63 -8.79 -5.10
CA PHE A 5 9.18 -8.90 -5.01
C PHE A 5 8.44 -7.80 -5.76
N ARG A 6 9.13 -6.74 -6.22
CA ARG A 6 8.55 -5.70 -7.06
C ARG A 6 8.27 -6.20 -8.50
N ARG A 7 8.20 -7.52 -8.69
CA ARG A 7 7.95 -8.19 -9.96
C ARG A 7 6.52 -7.95 -10.44
N ASP A 8 6.26 -8.37 -11.68
CA ASP A 8 4.96 -8.35 -12.33
C ASP A 8 3.88 -9.19 -11.62
N SER A 9 4.30 -10.06 -10.70
CA SER A 9 3.48 -11.12 -10.12
C SER A 9 2.35 -10.66 -9.20
N GLY A 10 2.26 -9.37 -8.83
CA GLY A 10 1.31 -8.88 -7.85
C GLY A 10 0.89 -7.46 -8.21
N TYR A 11 1.14 -6.44 -7.37
CA TYR A 11 1.70 -6.50 -6.05
C TYR A 11 1.47 -5.18 -5.32
N GLU A 12 1.30 -5.30 -4.01
CA GLU A 12 1.84 -4.37 -3.06
C GLU A 12 2.64 -5.20 -2.05
N VAL A 13 3.97 -5.21 -2.19
CA VAL A 13 4.89 -6.04 -1.42
C VAL A 13 4.84 -5.69 0.08
N HIS A 14 4.46 -4.44 0.41
CA HIS A 14 4.66 -3.88 1.74
C HIS A 14 3.85 -4.57 2.85
N HIS A 15 2.86 -5.43 2.52
CA HIS A 15 2.10 -6.20 3.51
C HIS A 15 2.34 -7.72 3.38
N GLN A 16 3.34 -8.19 2.62
CA GLN A 16 3.53 -9.61 2.34
C GLN A 16 4.98 -10.03 2.49
N LYS A 17 5.88 -9.58 1.61
CA LYS A 17 7.23 -10.13 1.52
C LYS A 17 8.28 -9.07 1.83
N NH2 A 18 9.45 -9.52 2.27
HN1 NH2 A 18 10.20 -8.86 2.48
HN2 NH2 A 18 9.62 -10.51 2.37
C ACE B 1 -11.06 10.45 -2.24
O ACE B 1 -10.18 11.28 -2.41
CH3 ACE B 1 -10.78 9.00 -2.60
H1 ACE B 1 -10.45 8.46 -1.70
H2 ACE B 1 -11.69 8.53 -2.99
H3 ACE B 1 -10.01 8.94 -3.36
N ASP B 2 -12.27 10.75 -1.75
CA ASP B 2 -12.69 12.09 -1.38
C ASP B 2 -11.91 12.58 -0.16
N ALA B 3 -11.65 13.90 -0.12
CA ALA B 3 -10.77 14.58 0.83
C ALA B 3 -11.02 14.20 2.29
N GLU B 4 -12.29 14.19 2.70
CA GLU B 4 -12.77 13.89 4.05
C GLU B 4 -12.20 12.61 4.65
N PHE B 5 -11.93 11.56 3.84
CA PHE B 5 -11.34 10.30 4.29
C PHE B 5 -9.99 10.02 3.64
N ARG B 6 -9.59 10.83 2.66
CA ARG B 6 -8.25 10.91 2.11
C ARG B 6 -7.39 11.78 3.04
N ARG B 7 -7.32 11.36 4.30
CA ARG B 7 -6.78 12.06 5.44
C ARG B 7 -5.28 11.81 5.58
N ASP B 8 -4.57 12.69 6.28
CA ASP B 8 -3.15 12.52 6.59
C ASP B 8 -2.91 11.61 7.81
N SER B 9 -3.98 11.29 8.55
CA SER B 9 -3.98 10.61 9.84
C SER B 9 -3.67 9.10 9.75
N GLY B 10 -2.79 8.68 8.85
CA GLY B 10 -2.32 7.33 8.67
C GLY B 10 -1.07 7.42 7.78
N TYR B 11 -1.10 6.97 6.52
CA TYR B 11 -2.21 6.38 5.82
C TYR B 11 -1.77 5.74 4.52
N GLU B 12 -2.61 4.81 4.06
CA GLU B 12 -2.58 4.25 2.73
C GLU B 12 -4.03 4.08 2.27
N VAL B 13 -4.76 5.21 2.19
CA VAL B 13 -6.20 5.30 1.91
C VAL B 13 -6.61 4.60 0.62
N HIS B 14 -5.66 4.36 -0.31
CA HIS B 14 -5.97 3.69 -1.57
C HIS B 14 -6.47 2.25 -1.41
N HIS B 15 -6.34 1.64 -0.22
CA HIS B 15 -7.19 0.54 0.18
C HIS B 15 -7.59 0.57 1.67
N GLN B 16 -7.17 1.59 2.44
CA GLN B 16 -7.66 1.84 3.79
C GLN B 16 -8.82 2.84 3.75
N LYS B 17 -9.53 2.97 4.88
CA LYS B 17 -10.77 3.75 4.98
C LYS B 17 -10.52 5.26 5.09
N NH2 B 18 -9.33 5.76 4.82
HN1 NH2 B 18 -8.58 5.14 4.53
HN2 NH2 B 18 -9.16 6.75 4.91
ZN ZN C . -1.17 -1.28 1.19
C ACE A 1 11.35 -6.76 1.83
O ACE A 1 12.20 -6.60 2.70
CH3 ACE A 1 10.03 -6.02 1.93
H1 ACE A 1 9.90 -5.40 1.04
H2 ACE A 1 9.22 -6.75 1.98
H3 ACE A 1 10.00 -5.39 2.82
N ASP A 2 11.52 -7.56 0.78
CA ASP A 2 12.70 -8.38 0.55
C ASP A 2 12.73 -8.90 -0.88
N ALA A 3 13.90 -9.32 -1.37
CA ALA A 3 14.13 -9.71 -2.76
C ALA A 3 13.15 -10.78 -3.25
N GLU A 4 12.93 -11.82 -2.44
CA GLU A 4 12.02 -12.93 -2.73
C GLU A 4 10.55 -12.49 -2.84
N PHE A 5 10.21 -11.29 -2.34
CA PHE A 5 8.89 -10.70 -2.45
C PHE A 5 8.83 -9.62 -3.53
N ARG A 6 9.97 -9.05 -3.98
CA ARG A 6 10.03 -8.08 -5.06
C ARG A 6 9.79 -8.74 -6.44
N ARG A 7 8.88 -9.71 -6.47
CA ARG A 7 8.46 -10.48 -7.61
C ARG A 7 7.41 -9.71 -8.41
N ASP A 8 7.18 -10.24 -9.61
CA ASP A 8 6.20 -9.75 -10.55
C ASP A 8 4.78 -10.17 -10.19
N SER A 9 4.62 -11.36 -9.60
CA SER A 9 3.34 -12.06 -9.59
C SER A 9 2.36 -11.58 -8.50
N GLY A 10 2.63 -10.46 -7.82
CA GLY A 10 1.69 -9.83 -6.92
C GLY A 10 1.39 -8.47 -7.53
N TYR A 11 1.61 -7.34 -6.84
CA TYR A 11 2.15 -7.22 -5.51
C TYR A 11 1.94 -5.80 -4.99
N GLU A 12 1.87 -5.73 -3.66
CA GLU A 12 2.18 -4.57 -2.89
C GLU A 12 2.94 -5.06 -1.64
N VAL A 13 4.21 -5.42 -1.86
CA VAL A 13 5.13 -6.04 -0.92
C VAL A 13 5.17 -5.29 0.40
N HIS A 14 5.04 -3.97 0.35
CA HIS A 14 5.23 -3.10 1.50
C HIS A 14 4.28 -3.39 2.66
N HIS A 15 3.26 -4.24 2.49
CA HIS A 15 2.55 -4.85 3.61
C HIS A 15 1.92 -6.21 3.28
N GLN A 16 2.14 -6.79 2.09
CA GLN A 16 1.61 -8.11 1.75
C GLN A 16 2.52 -9.23 2.22
N LYS A 17 3.85 -9.07 2.18
CA LYS A 17 4.82 -10.03 2.73
C LYS A 17 6.15 -9.39 3.14
N NH2 A 18 6.45 -8.18 2.69
HN1 NH2 A 18 7.32 -7.74 2.98
HN2 NH2 A 18 5.81 -7.70 2.08
C ACE B 1 -12.43 11.09 1.39
O ACE B 1 -11.82 10.11 0.99
CH3 ACE B 1 -12.85 12.17 0.40
H1 ACE B 1 -12.39 13.12 0.66
H2 ACE B 1 -12.54 11.89 -0.60
H3 ACE B 1 -13.93 12.29 0.42
N ASP B 2 -12.75 11.20 2.68
CA ASP B 2 -13.50 12.29 3.29
C ASP B 2 -13.06 12.48 4.75
N ALA B 3 -13.12 13.73 5.21
CA ALA B 3 -12.56 14.29 6.44
C ALA B 3 -12.57 13.35 7.64
N GLU B 4 -13.75 12.79 7.94
CA GLU B 4 -14.02 11.96 9.11
C GLU B 4 -13.01 10.85 9.31
N PHE B 5 -12.61 10.14 8.25
CA PHE B 5 -11.59 9.11 8.27
C PHE B 5 -10.28 9.57 7.65
N ARG B 6 -10.26 10.71 6.94
CA ARG B 6 -9.04 11.38 6.49
C ARG B 6 -8.29 12.08 7.64
N ARG B 7 -8.39 11.48 8.84
CA ARG B 7 -7.57 11.69 10.01
C ARG B 7 -6.08 11.64 9.60
N ASP B 8 -5.27 12.58 10.09
CA ASP B 8 -3.92 12.80 9.58
C ASP B 8 -3.02 11.57 9.64
N SER B 9 -3.16 10.77 10.69
CA SER B 9 -2.33 9.62 10.96
C SER B 9 -2.85 8.38 10.23
N GLY B 10 -1.91 7.63 9.64
CA GLY B 10 -2.08 6.35 9.04
C GLY B 10 -0.83 6.14 8.20
N TYR B 11 -0.91 5.96 6.88
CA TYR B 11 -2.08 5.76 6.06
C TYR B 11 -1.69 5.35 4.64
N GLU B 12 -2.55 4.54 4.04
CA GLU B 12 -2.58 4.19 2.64
C GLU B 12 -4.06 4.16 2.24
N VAL B 13 -4.71 5.32 2.40
CA VAL B 13 -6.15 5.58 2.38
C VAL B 13 -6.89 4.86 1.24
N HIS B 14 -6.30 4.81 0.04
CA HIS B 14 -6.99 4.33 -1.14
C HIS B 14 -7.20 2.82 -1.15
N HIS B 15 -6.69 2.08 -0.15
CA HIS B 15 -7.30 0.80 0.25
C HIS B 15 -7.15 0.51 1.74
N GLN B 16 -7.08 1.57 2.57
CA GLN B 16 -7.24 1.54 4.03
C GLN B 16 -8.41 2.43 4.44
N LYS B 17 -8.70 2.55 5.73
CA LYS B 17 -9.87 3.21 6.27
C LYS B 17 -9.70 3.51 7.76
N NH2 B 18 -10.63 4.24 8.35
HN1 NH2 B 18 -11.42 4.58 7.83
HN2 NH2 B 18 -10.53 4.48 9.33
ZN ZN C . -1.45 -1.28 0.27
C ACE A 1 14.23 -10.93 -0.32
O ACE A 1 14.05 -12.13 -0.40
CH3 ACE A 1 15.53 -10.40 0.27
H1 ACE A 1 16.08 -9.84 -0.48
H2 ACE A 1 15.31 -9.74 1.11
H3 ACE A 1 16.14 -11.23 0.61
N ASP A 2 13.34 -10.00 -0.70
CA ASP A 2 11.95 -10.25 -1.08
C ASP A 2 11.72 -10.49 -2.58
N ALA A 3 12.80 -10.47 -3.37
CA ALA A 3 12.86 -10.63 -4.82
C ALA A 3 11.81 -11.53 -5.46
N GLU A 4 11.60 -12.72 -4.92
CA GLU A 4 10.65 -13.71 -5.43
C GLU A 4 9.20 -13.23 -5.42
N PHE A 5 8.85 -12.24 -4.61
CA PHE A 5 7.55 -11.59 -4.57
C PHE A 5 7.51 -10.24 -5.27
N ARG A 6 8.67 -9.67 -5.64
CA ARG A 6 8.78 -8.42 -6.39
C ARG A 6 8.34 -8.59 -7.86
N ARG A 7 7.45 -9.54 -8.14
CA ARG A 7 6.94 -9.90 -9.45
C ARG A 7 5.83 -8.97 -9.91
N ASP A 8 5.47 -9.05 -11.20
CA ASP A 8 4.31 -8.40 -11.78
C ASP A 8 2.97 -8.89 -11.18
N SER A 9 2.98 -10.08 -10.57
CA SER A 9 1.83 -10.89 -10.17
C SER A 9 0.82 -10.22 -9.26
N GLY A 10 1.21 -9.24 -8.44
CA GLY A 10 0.35 -8.59 -7.48
C GLY A 10 0.35 -7.11 -7.83
N TYR A 11 0.91 -6.22 -7.00
CA TYR A 11 1.44 -6.47 -5.68
C TYR A 11 1.72 -5.17 -4.94
N GLU A 12 1.72 -5.27 -3.62
CA GLU A 12 2.33 -4.33 -2.72
C GLU A 12 2.97 -5.13 -1.59
N VAL A 13 4.14 -5.71 -1.89
CA VAL A 13 4.78 -6.80 -1.15
C VAL A 13 5.02 -6.44 0.32
N HIS A 14 5.19 -5.16 0.64
CA HIS A 14 5.50 -4.73 1.99
C HIS A 14 4.35 -4.95 3.00
N HIS A 15 3.12 -5.27 2.57
CA HIS A 15 2.11 -5.79 3.51
C HIS A 15 2.21 -7.30 3.73
N GLN A 16 2.67 -8.05 2.72
CA GLN A 16 2.86 -9.48 2.85
C GLN A 16 4.14 -9.83 3.61
N LYS A 17 5.18 -9.00 3.50
CA LYS A 17 6.47 -9.21 4.14
C LYS A 17 7.02 -7.91 4.71
N NH2 A 18 7.74 -7.99 5.83
HN1 NH2 A 18 8.15 -7.16 6.22
HN2 NH2 A 18 7.90 -8.89 6.26
C ACE B 1 -9.92 9.81 -1.58
O ACE B 1 -9.11 10.67 -1.85
CH3 ACE B 1 -9.61 8.36 -1.92
H1 ACE B 1 -8.53 8.22 -1.95
H2 ACE B 1 -10.03 7.70 -1.16
H3 ACE B 1 -10.05 8.12 -2.88
N ASP B 2 -11.08 10.07 -0.99
CA ASP B 2 -11.60 11.39 -0.67
C ASP B 2 -10.70 12.12 0.33
N ALA B 3 -10.69 13.45 0.28
CA ALA B 3 -9.81 14.32 1.05
C ALA B 3 -9.92 14.09 2.55
N GLU B 4 -11.15 13.89 3.05
CA GLU B 4 -11.48 13.54 4.44
C GLU B 4 -10.89 12.22 4.93
N PHE B 5 -10.41 11.36 4.03
CA PHE B 5 -9.61 10.18 4.38
C PHE B 5 -8.14 10.38 4.11
N ARG B 6 -7.76 11.29 3.19
CA ARG B 6 -6.38 11.69 2.94
C ARG B 6 -5.86 12.58 4.07
N ARG B 7 -6.07 12.13 5.31
CA ARG B 7 -5.69 12.72 6.58
C ARG B 7 -4.33 12.19 7.02
N ASP B 8 -3.70 12.92 7.94
CA ASP B 8 -2.42 12.56 8.50
C ASP B 8 -2.49 11.35 9.45
N SER B 9 -3.65 11.05 10.04
CA SER B 9 -3.89 9.95 10.98
C SER B 9 -3.58 8.55 10.44
N GLY B 10 -3.37 8.38 9.13
CA GLY B 10 -2.90 7.16 8.54
C GLY B 10 -1.70 7.55 7.67
N TYR B 11 -1.69 7.24 6.38
CA TYR B 11 -2.69 6.47 5.66
C TYR B 11 -2.12 5.95 4.34
N GLU B 12 -2.83 4.98 3.78
CA GLU B 12 -2.73 4.53 2.42
C GLU B 12 -4.17 4.19 1.96
N VAL B 13 -5.01 5.23 1.93
CA VAL B 13 -6.47 5.23 1.75
C VAL B 13 -6.96 4.36 0.61
N HIS B 14 -6.19 4.24 -0.49
CA HIS B 14 -6.71 3.61 -1.68
C HIS B 14 -6.98 2.11 -1.50
N HIS B 15 -6.51 1.48 -0.42
CA HIS B 15 -6.95 0.14 -0.04
C HIS B 15 -6.87 -0.15 1.46
N GLN B 16 -6.29 0.73 2.29
CA GLN B 16 -6.31 0.62 3.73
C GLN B 16 -7.49 1.43 4.31
N LYS B 17 -7.88 1.09 5.55
CA LYS B 17 -9.16 1.50 6.14
C LYS B 17 -8.98 2.01 7.60
N NH2 B 18 -10.08 2.35 8.27
HN1 NH2 B 18 -10.99 2.23 7.86
HN2 NH2 B 18 -9.98 2.70 9.21
ZN ZN C . -0.89 -0.85 0.83
C ACE A 1 12.03 -5.90 -1.38
O ACE A 1 13.11 -6.01 -0.79
CH3 ACE A 1 10.97 -4.97 -0.82
H1 ACE A 1 11.29 -4.59 0.15
H2 ACE A 1 10.83 -4.14 -1.52
H3 ACE A 1 10.03 -5.51 -0.71
N ASP A 2 11.75 -6.57 -2.50
CA ASP A 2 12.66 -7.48 -3.19
C ASP A 2 12.23 -7.65 -4.64
N ALA A 3 13.20 -7.89 -5.53
CA ALA A 3 12.96 -8.17 -6.93
C ALA A 3 12.04 -9.37 -7.11
N GLU A 4 12.26 -10.44 -6.35
CA GLU A 4 11.49 -11.67 -6.46
C GLU A 4 10.05 -11.56 -5.97
N PHE A 5 9.69 -10.45 -5.31
CA PHE A 5 8.31 -10.13 -4.97
C PHE A 5 7.75 -9.03 -5.87
N ARG A 6 8.62 -8.21 -6.47
CA ARG A 6 8.27 -7.28 -7.54
C ARG A 6 8.08 -8.04 -8.87
N ARG A 7 7.38 -9.18 -8.81
CA ARG A 7 6.86 -9.98 -9.91
C ARG A 7 5.49 -9.46 -10.35
N ASP A 8 4.92 -10.04 -11.42
CA ASP A 8 3.53 -9.80 -11.81
C ASP A 8 2.52 -10.39 -10.81
N SER A 9 3.01 -11.24 -9.90
CA SER A 9 2.27 -12.13 -9.04
C SER A 9 1.28 -11.48 -8.09
N GLY A 10 1.25 -10.14 -7.93
CA GLY A 10 0.32 -9.45 -7.05
C GLY A 10 0.04 -8.09 -7.68
N TYR A 11 0.32 -6.95 -7.04
CA TYR A 11 1.00 -6.82 -5.76
C TYR A 11 0.88 -5.42 -5.21
N GLU A 12 0.98 -5.36 -3.89
CA GLU A 12 1.56 -4.27 -3.14
C GLU A 12 2.61 -4.91 -2.20
N VAL A 13 3.84 -5.06 -2.68
CA VAL A 13 4.96 -5.70 -1.98
C VAL A 13 5.32 -5.01 -0.67
N HIS A 14 4.83 -3.79 -0.43
CA HIS A 14 4.96 -3.13 0.86
C HIS A 14 4.30 -3.92 2.00
N HIS A 15 3.39 -4.87 1.73
CA HIS A 15 2.91 -5.83 2.73
C HIS A 15 3.74 -7.12 2.76
N GLN A 16 4.38 -7.50 1.66
CA GLN A 16 5.23 -8.67 1.61
C GLN A 16 6.51 -8.42 2.39
N LYS A 17 7.17 -7.28 2.16
CA LYS A 17 8.49 -6.94 2.67
C LYS A 17 8.69 -5.43 2.59
N NH2 A 18 9.35 -4.84 3.59
HN1 NH2 A 18 9.51 -3.85 3.56
HN2 NH2 A 18 9.66 -5.40 4.37
C ACE B 1 -3.92 11.22 -4.41
O ACE B 1 -2.70 11.41 -4.42
CH3 ACE B 1 -4.47 9.83 -4.60
H1 ACE B 1 -4.85 9.46 -3.65
H2 ACE B 1 -5.28 9.85 -5.33
H3 ACE B 1 -3.68 9.18 -4.97
N ASP B 2 -4.82 12.20 -4.28
CA ASP B 2 -4.50 13.61 -4.27
C ASP B 2 -4.44 14.18 -2.85
N ALA B 3 -3.66 15.26 -2.69
CA ALA B 3 -3.16 15.79 -1.42
C ALA B 3 -4.17 15.77 -0.28
N GLU B 4 -5.32 16.43 -0.45
CA GLU B 4 -6.30 16.69 0.59
C GLU B 4 -6.76 15.43 1.34
N PHE B 5 -6.90 14.30 0.64
CA PHE B 5 -7.33 13.03 1.21
C PHE B 5 -6.21 11.98 1.28
N ARG B 6 -5.07 12.26 0.63
CA ARG B 6 -3.85 11.49 0.75
C ARG B 6 -3.15 11.92 2.05
N ARG B 7 -3.82 11.61 3.16
CA ARG B 7 -3.52 12.08 4.50
C ARG B 7 -2.73 11.06 5.28
N ASP B 8 -1.89 11.56 6.18
CA ASP B 8 -1.12 10.78 7.14
C ASP B 8 -1.94 10.42 8.36
N SER B 9 -3.11 11.03 8.54
CA SER B 9 -3.94 10.91 9.73
C SER B 9 -4.36 9.46 10.05
N GLY B 10 -4.15 8.51 9.12
CA GLY B 10 -4.24 7.07 9.31
C GLY B 10 -2.81 6.52 9.25
N TYR B 11 -2.34 5.92 8.16
CA TYR B 11 -3.03 5.66 6.91
C TYR B 11 -2.19 4.77 6.00
N GLU B 12 -2.86 4.19 5.00
CA GLU B 12 -2.29 3.75 3.76
C GLU B 12 -3.37 3.90 2.68
N VAL B 13 -3.59 5.15 2.24
CA VAL B 13 -4.76 5.64 1.50
C VAL B 13 -5.08 4.86 0.21
N HIS B 14 -4.15 4.08 -0.35
CA HIS B 14 -4.42 3.22 -1.50
C HIS B 14 -5.42 2.09 -1.18
N HIS B 15 -5.75 1.82 0.09
CA HIS B 15 -6.78 0.84 0.45
C HIS B 15 -8.18 1.44 0.53
N GLN B 16 -8.39 2.76 0.39
CA GLN B 16 -9.72 3.35 0.29
C GLN B 16 -10.06 3.82 -1.11
N LYS B 17 -11.37 3.91 -1.38
CA LYS B 17 -12.04 4.25 -2.64
C LYS B 17 -12.03 3.08 -3.64
N NH2 B 18 -10.88 2.45 -3.90
HN1 NH2 B 18 -10.02 2.78 -3.47
HN2 NH2 B 18 -10.87 1.68 -4.55
ZN ZN C . -1.17 -1.48 1.37
C ACE A 1 11.79 -5.30 -0.53
O ACE A 1 12.19 -4.66 -1.49
CH3 ACE A 1 10.69 -4.75 0.35
H1 ACE A 1 11.15 -4.27 1.22
H2 ACE A 1 10.10 -4.02 -0.20
H3 ACE A 1 10.05 -5.56 0.70
N ASP A 2 12.29 -6.48 -0.15
CA ASP A 2 13.47 -7.13 -0.71
C ASP A 2 13.31 -7.49 -2.19
N ALA A 3 14.43 -7.74 -2.88
CA ALA A 3 14.53 -8.13 -4.28
C ALA A 3 13.56 -9.25 -4.66
N GLU A 4 13.53 -10.34 -3.89
CA GLU A 4 12.67 -11.51 -4.10
C GLU A 4 11.17 -11.23 -3.99
N PHE A 5 10.79 -10.05 -3.48
CA PHE A 5 9.41 -9.56 -3.42
C PHE A 5 9.19 -8.39 -4.38
N ARG A 6 10.25 -7.74 -4.84
CA ARG A 6 10.21 -6.84 -5.98
C ARG A 6 10.14 -7.62 -7.29
N ARG A 7 9.25 -8.61 -7.33
CA ARG A 7 8.83 -9.39 -8.47
C ARG A 7 7.70 -8.66 -9.18
N ASP A 8 7.50 -8.99 -10.45
CA ASP A 8 6.30 -8.66 -11.20
C ASP A 8 5.06 -9.45 -10.74
N SER A 9 5.27 -10.57 -10.03
CA SER A 9 4.30 -11.61 -9.77
C SER A 9 3.30 -11.29 -8.64
N GLY A 10 3.06 -10.02 -8.28
CA GLY A 10 2.08 -9.64 -7.28
C GLY A 10 1.37 -8.37 -7.75
N TYR A 11 1.35 -7.27 -6.99
CA TYR A 11 1.88 -7.09 -5.67
C TYR A 11 1.40 -5.78 -5.06
N GLU A 12 1.33 -5.79 -3.72
CA GLU A 12 1.74 -4.67 -2.93
C GLU A 12 2.67 -5.21 -1.83
N VAL A 13 3.98 -5.06 -2.03
CA VAL A 13 5.07 -5.54 -1.18
C VAL A 13 5.04 -4.85 0.20
N HIS A 14 4.35 -3.72 0.31
CA HIS A 14 4.13 -3.05 1.56
C HIS A 14 3.33 -3.95 2.54
N HIS A 15 2.51 -4.89 2.04
CA HIS A 15 1.84 -5.90 2.86
C HIS A 15 2.59 -7.23 2.93
N GLN A 16 3.59 -7.48 2.06
CA GLN A 16 4.62 -8.48 2.34
C GLN A 16 5.37 -8.12 3.62
N LYS A 17 5.61 -6.81 3.82
CA LYS A 17 6.19 -6.22 5.02
C LYS A 17 5.14 -5.94 6.10
N NH2 A 18 3.84 -6.12 5.83
HN1 NH2 A 18 3.16 -5.96 6.55
HN2 NH2 A 18 3.56 -6.44 4.92
C ACE B 1 -12.14 16.72 -1.10
O ACE B 1 -13.35 16.84 -0.93
CH3 ACE B 1 -11.43 17.65 -2.07
H1 ACE B 1 -12.15 18.22 -2.63
H2 ACE B 1 -10.77 18.32 -1.53
H3 ACE B 1 -10.83 17.06 -2.77
N ASP B 2 -11.39 15.81 -0.46
CA ASP B 2 -11.87 14.93 0.58
C ASP B 2 -11.51 15.49 1.95
N ALA B 3 -12.54 15.65 2.79
CA ALA B 3 -12.42 16.21 4.12
C ALA B 3 -12.26 15.08 5.14
N GLU B 4 -13.36 14.68 5.79
CA GLU B 4 -13.37 14.06 7.12
C GLU B 4 -12.35 12.94 7.31
N PHE B 5 -12.24 12.01 6.35
CA PHE B 5 -11.45 10.80 6.50
C PHE B 5 -10.04 10.96 5.95
N ARG B 6 -9.82 11.89 5.01
CA ARG B 6 -8.55 12.07 4.33
C ARG B 6 -7.63 12.91 5.19
N ARG B 7 -7.36 12.39 6.39
CA ARG B 7 -6.60 12.96 7.47
C ARG B 7 -5.11 12.69 7.27
N ASP B 8 -4.29 13.49 7.92
CA ASP B 8 -2.84 13.50 7.80
C ASP B 8 -2.18 12.26 8.42
N SER B 9 -2.68 11.79 9.56
CA SER B 9 -2.15 10.64 10.26
C SER B 9 -2.75 9.36 9.70
N GLY B 10 -1.91 8.34 9.57
CA GLY B 10 -2.22 7.03 9.04
C GLY B 10 -0.93 6.52 8.41
N TYR B 11 -0.93 6.08 7.14
CA TYR B 11 -2.04 5.88 6.24
C TYR B 11 -1.58 5.11 5.01
N GLU B 12 -2.52 4.40 4.40
CA GLU B 12 -2.49 3.99 3.02
C GLU B 12 -3.92 4.15 2.45
N VAL B 13 -4.34 5.41 2.31
CA VAL B 13 -5.68 5.92 1.95
C VAL B 13 -6.36 5.11 0.85
N HIS B 14 -5.61 4.70 -0.18
CA HIS B 14 -6.17 4.18 -1.41
C HIS B 14 -6.63 2.71 -1.34
N HIS B 15 -6.56 2.08 -0.15
CA HIS B 15 -7.49 1.01 0.20
C HIS B 15 -7.72 0.86 1.71
N GLN B 16 -7.06 1.66 2.56
CA GLN B 16 -7.48 1.82 3.96
C GLN B 16 -8.61 2.85 4.03
N LYS B 17 -9.58 2.57 4.89
CA LYS B 17 -10.80 3.33 5.08
C LYS B 17 -10.51 4.76 5.59
N NH2 B 18 -9.49 4.92 6.43
HN1 NH2 B 18 -9.27 5.85 6.77
HN2 NH2 B 18 -8.94 4.12 6.71
ZN ZN C . -1.76 -1.42 0.63
C ACE A 1 14.84 -4.50 -2.69
O ACE A 1 15.06 -4.99 -1.57
CH3 ACE A 1 14.91 -3.00 -2.88
H1 ACE A 1 13.91 -2.62 -3.11
H2 ACE A 1 15.28 -2.52 -1.97
H3 ACE A 1 15.58 -2.77 -3.70
N ASP A 2 14.57 -5.24 -3.76
CA ASP A 2 14.47 -6.69 -3.71
C ASP A 2 14.63 -7.28 -5.11
N ALA A 3 15.41 -8.36 -5.22
CA ALA A 3 15.57 -9.12 -6.45
C ALA A 3 14.32 -9.91 -6.83
N GLU A 4 13.44 -10.19 -5.86
CA GLU A 4 12.74 -11.45 -5.80
C GLU A 4 11.27 -11.26 -5.43
N PHE A 5 10.99 -10.37 -4.48
CA PHE A 5 9.64 -10.04 -4.01
C PHE A 5 9.07 -8.78 -4.63
N ARG A 6 9.93 -7.85 -5.09
CA ARG A 6 9.50 -6.66 -5.82
C ARG A 6 9.21 -7.05 -7.27
N ARG A 7 8.19 -7.91 -7.43
CA ARG A 7 7.69 -8.43 -8.68
C ARG A 7 6.47 -7.64 -9.15
N ASP A 8 6.36 -7.41 -10.46
CA ASP A 8 5.21 -6.72 -11.04
C ASP A 8 3.94 -7.60 -11.00
N SER A 9 4.09 -8.92 -11.17
CA SER A 9 2.96 -9.85 -11.30
C SER A 9 2.17 -10.11 -10.01
N GLY A 10 2.44 -9.38 -8.91
CA GLY A 10 1.49 -9.20 -7.83
C GLY A 10 0.87 -7.81 -8.05
N TYR A 11 0.90 -6.90 -7.08
CA TYR A 11 1.42 -7.02 -5.74
C TYR A 11 1.10 -5.74 -4.98
N GLU A 12 1.08 -5.85 -3.65
CA GLU A 12 1.49 -4.76 -2.79
C GLU A 12 2.46 -5.35 -1.75
N VAL A 13 3.74 -5.38 -2.11
CA VAL A 13 4.82 -5.97 -1.33
C VAL A 13 4.98 -5.29 0.03
N HIS A 14 4.45 -4.07 0.21
CA HIS A 14 4.65 -3.27 1.41
C HIS A 14 3.97 -3.86 2.65
N HIS A 15 3.01 -4.79 2.48
CA HIS A 15 2.46 -5.58 3.59
C HIS A 15 3.23 -6.88 3.83
N GLN A 16 3.96 -7.38 2.82
CA GLN A 16 4.71 -8.63 2.91
C GLN A 16 6.11 -8.41 3.48
N LYS A 17 6.70 -7.24 3.25
CA LYS A 17 7.98 -6.82 3.80
C LYS A 17 8.14 -5.30 3.69
N NH2 A 18 8.95 -4.73 4.56
HN1 NH2 A 18 9.09 -3.73 4.54
HN2 NH2 A 18 9.42 -5.29 5.26
C ACE B 1 -12.42 11.74 -2.69
O ACE B 1 -12.92 12.37 -3.61
CH3 ACE B 1 -12.84 10.30 -2.47
H1 ACE B 1 -13.67 10.04 -3.13
H2 ACE B 1 -12.00 9.64 -2.67
H3 ACE B 1 -13.18 10.17 -1.45
N ASP B 2 -11.53 12.25 -1.83
CA ASP B 2 -11.12 13.65 -1.81
C ASP B 2 -9.80 13.84 -1.05
N ALA B 3 -9.07 14.87 -1.46
CA ALA B 3 -7.81 15.34 -0.92
C ALA B 3 -7.74 15.40 0.61
N GLU B 4 -8.86 15.71 1.28
CA GLU B 4 -8.90 15.97 2.71
C GLU B 4 -8.53 14.76 3.59
N PHE B 5 -8.61 13.53 3.07
CA PHE B 5 -8.15 12.33 3.76
C PHE B 5 -6.97 11.68 3.04
N ARG B 6 -6.43 12.31 2.00
CA ARG B 6 -5.16 11.97 1.37
C ARG B 6 -4.00 12.52 2.21
N ARG B 7 -4.02 12.26 3.53
CA ARG B 7 -3.31 13.01 4.56
C ARG B 7 -2.16 12.22 5.18
N ASP B 8 -1.35 12.93 5.96
CA ASP B 8 -0.37 12.37 6.88
C ASP B 8 -1.02 11.53 7.99
N SER B 9 -2.31 11.76 8.23
CA SER B 9 -3.07 11.35 9.41
C SER B 9 -3.29 9.83 9.56
N GLY B 10 -2.65 9.00 8.73
CA GLY B 10 -2.64 7.55 8.82
C GLY B 10 -1.22 7.09 8.53
N TYR B 11 -0.92 6.48 7.37
CA TYR B 11 -1.86 6.06 6.35
C TYR B 11 -1.21 5.09 5.37
N GLU B 12 -2.06 4.20 4.86
CA GLU B 12 -2.10 3.93 3.45
C GLU B 12 -3.56 4.18 3.02
N VAL B 13 -3.75 5.09 2.06
CA VAL B 13 -5.05 5.53 1.58
C VAL B 13 -5.55 4.60 0.45
N HIS B 14 -4.63 3.90 -0.22
CA HIS B 14 -4.85 3.38 -1.57
C HIS B 14 -5.98 2.37 -1.70
N HIS B 15 -6.27 1.61 -0.64
CA HIS B 15 -7.36 0.64 -0.55
C HIS B 15 -8.01 0.70 0.83
N GLN B 16 -8.02 1.89 1.46
CA GLN B 16 -8.41 2.07 2.85
C GLN B 16 -9.89 1.75 3.10
N LYS B 17 -10.22 1.50 4.36
CA LYS B 17 -11.59 1.16 4.78
C LYS B 17 -11.95 1.91 6.06
N NH2 B 18 -13.21 1.83 6.50
HN1 NH2 B 18 -13.90 1.31 5.99
HN2 NH2 B 18 -13.47 2.35 7.33
ZN ZN C . -1.79 -1.69 1.12
C ACE A 1 16.59 -6.73 -3.77
O ACE A 1 17.37 -6.88 -4.70
CH3 ACE A 1 16.66 -5.48 -2.91
H1 ACE A 1 17.58 -4.93 -3.13
H2 ACE A 1 15.81 -4.85 -3.12
H3 ACE A 1 16.66 -5.75 -1.85
N ASP A 2 15.65 -7.63 -3.45
CA ASP A 2 15.41 -8.90 -4.13
C ASP A 2 14.71 -8.74 -5.48
N ALA A 3 14.57 -9.86 -6.19
CA ALA A 3 14.06 -9.95 -7.54
C ALA A 3 12.79 -10.82 -7.62
N GLU A 4 12.92 -12.14 -7.51
CA GLU A 4 11.93 -13.11 -7.99
C GLU A 4 10.51 -12.90 -7.46
N PHE A 5 10.36 -12.49 -6.20
CA PHE A 5 9.07 -12.25 -5.55
C PHE A 5 8.81 -10.76 -5.32
N ARG A 6 9.83 -9.91 -5.50
CA ARG A 6 9.73 -8.46 -5.58
C ARG A 6 9.13 -8.08 -6.93
N ARG A 7 7.89 -8.53 -7.16
CA ARG A 7 7.21 -8.50 -8.44
C ARG A 7 6.19 -7.39 -8.47
N ASP A 8 5.97 -6.86 -9.67
CA ASP A 8 5.06 -5.76 -9.92
C ASP A 8 3.67 -6.22 -10.31
N SER A 9 3.51 -7.44 -10.83
CA SER A 9 2.24 -7.96 -11.30
C SER A 9 1.25 -8.28 -10.17
N GLY A 10 1.60 -8.01 -8.90
CA GLY A 10 0.63 -7.87 -7.82
C GLY A 10 0.36 -6.37 -7.73
N TYR A 11 0.84 -5.66 -6.71
CA TYR A 11 1.53 -6.15 -5.53
C TYR A 11 1.73 -4.98 -4.57
N GLU A 12 1.65 -5.32 -3.29
CA GLU A 12 2.43 -4.71 -2.25
C GLU A 12 3.16 -5.84 -1.55
N VAL A 13 4.39 -6.10 -2.02
CA VAL A 13 5.22 -7.21 -1.55
C VAL A 13 5.58 -7.04 -0.08
N HIS A 14 5.69 -5.79 0.40
CA HIS A 14 6.03 -5.52 1.78
C HIS A 14 4.92 -5.96 2.75
N HIS A 15 3.65 -5.91 2.34
CA HIS A 15 2.57 -6.49 3.14
C HIS A 15 2.58 -8.01 3.08
N GLN A 16 2.99 -8.61 1.96
CA GLN A 16 2.87 -10.04 1.77
C GLN A 16 4.03 -10.83 2.37
N LYS A 17 5.25 -10.29 2.27
CA LYS A 17 6.49 -10.96 2.62
C LYS A 17 7.32 -10.13 3.61
N NH2 A 18 6.81 -9.02 4.14
HN1 NH2 A 18 7.35 -8.46 4.78
HN2 NH2 A 18 5.87 -8.72 3.88
C ACE B 1 -18.30 11.11 2.11
O ACE B 1 -18.48 10.04 2.68
CH3 ACE B 1 -19.36 12.21 2.23
H1 ACE B 1 -20.29 11.79 2.57
H2 ACE B 1 -19.00 12.96 2.94
H3 ACE B 1 -19.52 12.68 1.26
N ASP B 2 -17.21 11.38 1.39
CA ASP B 2 -16.08 10.48 1.23
C ASP B 2 -14.86 10.91 2.02
N ALA B 3 -14.72 12.22 2.29
CA ALA B 3 -13.52 12.79 2.87
C ALA B 3 -13.14 12.19 4.22
N GLU B 4 -14.11 11.61 4.94
CA GLU B 4 -13.96 10.88 6.19
C GLU B 4 -13.02 9.68 6.09
N PHE B 5 -12.83 9.09 4.91
CA PHE B 5 -11.85 8.04 4.65
C PHE B 5 -10.87 8.41 3.53
N ARG B 6 -11.27 9.35 2.66
CA ARG B 6 -10.41 10.13 1.78
C ARG B 6 -9.90 11.34 2.59
N ARG B 7 -9.38 11.02 3.78
CA ARG B 7 -8.69 11.83 4.77
C ARG B 7 -7.50 12.57 4.15
N ASP B 8 -6.84 13.47 4.89
CA ASP B 8 -5.58 14.09 4.48
C ASP B 8 -4.38 13.36 5.09
N SER B 9 -4.52 12.93 6.35
CA SER B 9 -3.54 12.19 7.12
C SER B 9 -4.09 10.81 7.48
N GLY B 10 -3.22 9.79 7.55
CA GLY B 10 -3.56 8.42 7.86
C GLY B 10 -2.25 7.64 8.00
N TYR B 11 -2.00 6.59 7.23
CA TYR B 11 -2.77 6.14 6.09
C TYR B 11 -2.20 4.85 5.54
N GLU B 12 -3.05 4.13 4.80
CA GLU B 12 -2.73 3.92 3.42
C GLU B 12 -4.02 4.08 2.62
N VAL B 13 -4.00 5.01 1.67
CA VAL B 13 -5.15 5.43 0.88
C VAL B 13 -5.78 4.23 0.16
N HIS B 14 -4.94 3.30 -0.31
CA HIS B 14 -5.35 2.22 -1.19
C HIS B 14 -6.23 1.18 -0.49
N HIS B 15 -6.23 1.12 0.84
CA HIS B 15 -6.97 0.13 1.61
C HIS B 15 -8.24 0.67 2.25
N GLN B 16 -8.54 1.97 2.13
CA GLN B 16 -9.75 2.57 2.70
C GLN B 16 -10.89 2.63 1.69
N LYS B 17 -12.12 2.69 2.21
CA LYS B 17 -13.35 2.62 1.44
C LYS B 17 -14.47 3.41 2.12
N NH2 B 18 -15.61 3.55 1.44
HN1 NH2 B 18 -16.37 4.07 1.84
HN2 NH2 B 18 -15.71 3.15 0.51
ZN ZN C . -0.91 -1.29 1.19
C ACE A 1 11.66 -4.56 -0.76
O ACE A 1 12.66 -4.15 -0.16
CH3 ACE A 1 10.30 -3.96 -0.47
H1 ACE A 1 9.75 -3.82 -1.39
H2 ACE A 1 9.75 -4.63 0.20
H3 ACE A 1 10.43 -2.99 0.02
N ASP A 2 11.70 -5.51 -1.70
CA ASP A 2 12.91 -6.22 -2.13
C ASP A 2 12.65 -6.88 -3.49
N ALA A 3 13.69 -7.00 -4.32
CA ALA A 3 13.63 -7.50 -5.69
C ALA A 3 12.92 -8.85 -5.83
N GLU A 4 13.18 -9.79 -4.92
CA GLU A 4 12.61 -11.13 -4.99
C GLU A 4 11.09 -11.08 -4.88
N PHE A 5 10.56 -10.13 -4.10
CA PHE A 5 9.14 -9.92 -3.90
C PHE A 5 8.54 -8.83 -4.77
N ARG A 6 9.35 -7.93 -5.37
CA ARG A 6 8.94 -6.92 -6.33
C ARG A 6 8.68 -7.57 -7.71
N ARG A 7 7.93 -8.68 -7.69
CA ARG A 7 7.51 -9.46 -8.82
C ARG A 7 6.33 -8.77 -9.52
N ASP A 8 6.24 -8.99 -10.83
CA ASP A 8 5.19 -8.47 -11.67
C ASP A 8 3.80 -9.00 -11.28
N SER A 9 3.73 -10.18 -10.66
CA SER A 9 2.51 -10.94 -10.48
C SER A 9 1.56 -10.41 -9.41
N GLY A 10 1.91 -9.32 -8.69
CA GLY A 10 1.07 -8.68 -7.68
C GLY A 10 0.88 -7.22 -8.10
N TYR A 11 1.20 -6.22 -7.29
CA TYR A 11 1.72 -6.31 -5.94
C TYR A 11 1.61 -4.96 -5.24
N GLU A 12 1.48 -5.03 -3.92
CA GLU A 12 1.81 -3.97 -2.99
C GLU A 12 2.68 -4.65 -1.91
N VAL A 13 3.98 -4.78 -2.20
CA VAL A 13 4.98 -5.55 -1.45
C VAL A 13 5.22 -4.99 -0.04
N HIS A 14 4.66 -3.85 0.32
CA HIS A 14 4.63 -3.40 1.70
C HIS A 14 3.88 -4.40 2.60
N HIS A 15 3.02 -5.26 2.04
CA HIS A 15 2.37 -6.35 2.74
C HIS A 15 3.23 -7.62 2.84
N GLN A 16 4.45 -7.62 2.31
CA GLN A 16 5.33 -8.78 2.21
C GLN A 16 6.71 -8.53 2.81
N LYS A 17 7.31 -7.36 2.55
CA LYS A 17 8.63 -6.97 3.01
C LYS A 17 8.69 -5.45 3.19
N NH2 A 18 9.64 -4.99 4.00
HN1 NH2 A 18 9.72 -3.99 4.16
HN2 NH2 A 18 10.26 -5.62 4.47
C ACE B 1 -3.66 10.41 -7.07
O ACE B 1 -2.97 10.97 -7.89
CH3 ACE B 1 -3.65 8.90 -6.99
H1 ACE B 1 -4.53 8.52 -7.49
H2 ACE B 1 -2.78 8.51 -7.51
H3 ACE B 1 -3.64 8.57 -5.95
N ASP B 2 -4.43 11.07 -6.20
CA ASP B 2 -4.47 12.53 -6.12
C ASP B 2 -4.71 12.95 -4.67
N ALA B 3 -3.99 13.99 -4.25
CA ALA B 3 -3.86 14.48 -2.87
C ALA B 3 -5.17 14.51 -2.10
N GLU B 4 -6.27 14.93 -2.73
CA GLU B 4 -7.57 15.04 -2.11
C GLU B 4 -8.05 13.75 -1.44
N PHE B 5 -7.74 12.57 -1.99
CA PHE B 5 -8.00 11.28 -1.36
C PHE B 5 -6.70 10.56 -0.98
N ARG B 6 -5.57 10.93 -1.59
CA ARG B 6 -4.22 10.62 -1.16
C ARG B 6 -3.83 11.54 -0.01
N ARG B 7 -4.74 11.59 0.97
CA ARG B 7 -4.66 12.23 2.27
C ARG B 7 -3.52 11.62 3.09
N ASP B 8 -3.01 12.40 4.04
CA ASP B 8 -1.79 12.11 4.79
C ASP B 8 -2.03 11.75 6.25
N SER B 9 -3.19 12.11 6.82
CA SER B 9 -3.52 11.82 8.20
C SER B 9 -3.98 10.37 8.34
N GLY B 10 -3.05 9.42 8.43
CA GLY B 10 -3.36 8.00 8.56
C GLY B 10 -2.04 7.23 8.55
N TYR B 11 -1.69 6.47 7.50
CA TYR B 11 -2.49 6.09 6.37
C TYR B 11 -1.81 4.94 5.63
N GLU B 12 -2.62 4.26 4.81
CA GLU B 12 -2.19 3.49 3.66
C GLU B 12 -3.40 3.55 2.71
N VAL B 13 -3.42 4.62 1.90
CA VAL B 13 -4.58 5.13 1.16
C VAL B 13 -5.17 4.13 0.17
N HIS B 14 -4.39 3.18 -0.36
CA HIS B 14 -4.90 2.27 -1.38
C HIS B 14 -6.08 1.43 -0.89
N HIS B 15 -6.26 1.25 0.43
CA HIS B 15 -7.34 0.45 1.02
C HIS B 15 -8.54 1.32 1.45
N GLN B 16 -8.49 2.63 1.22
CA GLN B 16 -9.28 3.64 1.92
C GLN B 16 -9.57 4.83 1.00
N LYS B 17 -10.36 5.80 1.47
CA LYS B 17 -10.61 7.06 0.75
C LYS B 17 -9.47 8.08 0.98
N NH2 B 18 -8.25 7.62 1.26
HN1 NH2 B 18 -7.49 8.27 1.37
HN2 NH2 B 18 -8.08 6.63 1.26
ZN ZN C . -1.42 -1.77 1.46
C ACE A 1 12.72 -6.32 -1.62
O ACE A 1 13.11 -5.47 -2.42
CH3 ACE A 1 11.56 -6.02 -0.69
H1 ACE A 1 10.76 -6.73 -0.88
H2 ACE A 1 11.90 -6.11 0.34
H3 ACE A 1 11.19 -5.01 -0.88
N ASP A 2 13.25 -7.54 -1.54
CA ASP A 2 14.31 -8.06 -2.39
C ASP A 2 13.73 -9.02 -3.43
N ALA A 3 14.40 -9.11 -4.60
CA ALA A 3 13.89 -9.59 -5.87
C ALA A 3 12.91 -10.76 -5.78
N GLU A 4 13.35 -11.88 -5.20
CA GLU A 4 12.60 -13.14 -5.10
C GLU A 4 11.17 -13.01 -4.59
N PHE A 5 10.90 -12.11 -3.64
CA PHE A 5 9.57 -11.85 -3.10
C PHE A 5 9.05 -10.46 -3.46
N ARG A 6 9.91 -9.57 -3.97
CA ARG A 6 9.57 -8.30 -4.58
C ARG A 6 9.12 -8.53 -6.02
N ARG A 7 8.04 -9.31 -6.11
CA ARG A 7 7.47 -9.84 -7.32
C ARG A 7 6.53 -8.84 -7.96
N ASP A 8 6.43 -8.95 -9.29
CA ASP A 8 5.61 -8.13 -10.17
C ASP A 8 4.19 -8.69 -10.33
N SER A 9 3.92 -9.90 -9.83
CA SER A 9 2.68 -10.63 -10.09
C SER A 9 1.42 -9.97 -9.53
N GLY A 10 1.53 -8.96 -8.66
CA GLY A 10 0.41 -8.32 -7.99
C GLY A 10 0.50 -6.82 -8.27
N TYR A 11 0.86 -5.98 -7.31
CA TYR A 11 1.30 -6.31 -5.98
C TYR A 11 1.34 -5.04 -5.13
N GLU A 12 1.37 -5.27 -3.82
CA GLU A 12 1.99 -4.39 -2.85
C GLU A 12 2.72 -5.29 -1.85
N VAL A 13 3.95 -5.67 -2.23
CA VAL A 13 4.80 -6.62 -1.54
C VAL A 13 5.11 -6.19 -0.11
N HIS A 14 4.99 -4.91 0.26
CA HIS A 14 5.26 -4.49 1.63
C HIS A 14 4.31 -5.13 2.63
N HIS A 15 3.11 -5.57 2.21
CA HIS A 15 2.23 -6.36 3.03
C HIS A 15 2.49 -7.86 2.91
N GLN A 16 3.01 -8.34 1.77
CA GLN A 16 3.44 -9.72 1.67
C GLN A 16 4.57 -9.96 2.69
N LYS A 17 5.56 -9.08 2.71
CA LYS A 17 6.62 -9.06 3.70
C LYS A 17 7.18 -7.64 3.81
N NH2 A 18 7.39 -7.16 5.04
HN1 NH2 A 18 7.77 -6.23 5.15
HN2 NH2 A 18 7.18 -7.72 5.85
C ACE B 1 -6.65 12.16 -5.78
O ACE B 1 -6.52 12.74 -6.85
CH3 ACE B 1 -6.62 10.66 -5.74
H1 ACE B 1 -7.64 10.28 -5.61
H2 ACE B 1 -6.22 10.26 -6.68
H3 ACE B 1 -6.00 10.32 -4.92
N ASP B 2 -6.86 12.80 -4.63
CA ASP B 2 -7.06 14.23 -4.52
C ASP B 2 -6.66 14.71 -3.13
N ALA B 3 -6.06 15.91 -3.06
CA ALA B 3 -5.51 16.52 -1.85
C ALA B 3 -6.48 16.61 -0.66
N GLU B 4 -7.79 16.56 -0.89
CA GLU B 4 -8.79 16.61 0.18
C GLU B 4 -8.65 15.43 1.11
N PHE B 5 -8.42 14.23 0.58
CA PHE B 5 -8.40 12.97 1.33
C PHE B 5 -7.09 12.18 1.17
N ARG B 6 -6.21 12.62 0.26
CA ARG B 6 -4.83 12.17 0.14
C ARG B 6 -4.00 12.91 1.18
N ARG B 7 -4.14 12.44 2.42
CA ARG B 7 -3.81 13.11 3.66
C ARG B 7 -2.81 12.33 4.49
N ASP B 8 -2.23 12.99 5.49
CA ASP B 8 -1.49 12.38 6.60
C ASP B 8 -2.41 11.56 7.52
N SER B 9 -3.71 11.84 7.44
CA SER B 9 -4.73 11.51 8.42
C SER B 9 -4.98 10.02 8.69
N GLY B 10 -4.32 9.10 7.99
CA GLY B 10 -4.32 7.68 8.30
C GLY B 10 -2.85 7.25 8.31
N TYR B 11 -2.31 6.65 7.24
CA TYR B 11 -3.00 6.28 6.03
C TYR B 11 -2.19 5.31 5.20
N GLU B 12 -2.94 4.64 4.32
CA GLU B 12 -2.47 4.20 3.03
C GLU B 12 -3.72 4.16 2.12
N VAL B 13 -4.16 5.36 1.71
CA VAL B 13 -5.50 5.70 1.20
C VAL B 13 -6.11 4.65 0.30
N HIS B 14 -5.33 4.10 -0.64
CA HIS B 14 -5.86 3.26 -1.70
C HIS B 14 -6.58 2.02 -1.15
N HIS B 15 -6.28 1.57 0.08
CA HIS B 15 -7.01 0.47 0.70
C HIS B 15 -7.04 0.49 2.24
N GLN B 16 -6.40 1.47 2.90
CA GLN B 16 -6.34 1.56 4.35
C GLN B 16 -6.85 2.90 4.87
N LYS B 17 -7.27 2.88 6.13
CA LYS B 17 -8.02 3.92 6.83
C LYS B 17 -7.11 5.03 7.34
N NH2 B 18 -7.67 6.22 7.59
HN1 NH2 B 18 -7.10 6.98 7.94
HN2 NH2 B 18 -8.65 6.36 7.42
ZN ZN C . -0.94 -1.18 1.27
C ACE A 1 10.99 -4.70 1.60
O ACE A 1 11.62 -4.42 2.62
CH3 ACE A 1 9.70 -3.97 1.28
H1 ACE A 1 8.86 -4.60 1.56
H2 ACE A 1 9.66 -3.03 1.83
H3 ACE A 1 9.65 -3.76 0.22
N ASP A 2 11.41 -5.63 0.73
CA ASP A 2 12.62 -6.44 0.88
C ASP A 2 12.81 -7.29 -0.38
N ALA A 3 14.04 -7.74 -0.69
CA ALA A 3 14.33 -8.53 -1.88
C ALA A 3 13.49 -9.81 -1.96
N GLU A 4 13.35 -10.51 -0.81
CA GLU A 4 12.56 -11.72 -0.67
C GLU A 4 11.04 -11.53 -0.79
N PHE A 5 10.56 -10.28 -0.83
CA PHE A 5 9.18 -9.94 -1.13
C PHE A 5 9.03 -9.23 -2.48
N ARG A 6 10.10 -8.62 -2.98
CA ARG A 6 10.25 -8.13 -4.34
C ARG A 6 10.51 -9.32 -5.28
N ARG A 7 9.70 -10.37 -5.10
CA ARG A 7 9.60 -11.56 -5.91
C ARG A 7 8.95 -11.23 -7.26
N ASP A 8 8.80 -12.24 -8.10
CA ASP A 8 8.50 -12.07 -9.52
C ASP A 8 7.22 -11.27 -9.79
N SER A 9 6.11 -11.57 -9.11
CA SER A 9 4.77 -11.11 -9.47
C SER A 9 3.89 -10.91 -8.24
N GLY A 10 2.92 -9.99 -8.35
CA GLY A 10 1.93 -9.70 -7.34
C GLY A 10 1.26 -8.39 -7.77
N TYR A 11 1.29 -7.33 -6.97
CA TYR A 11 1.77 -7.22 -5.61
C TYR A 11 1.36 -5.87 -5.05
N GLU A 12 1.29 -5.81 -3.72
CA GLU A 12 1.67 -4.65 -2.96
C GLU A 12 2.53 -5.14 -1.78
N VAL A 13 3.85 -5.17 -1.99
CA VAL A 13 4.87 -5.74 -1.10
C VAL A 13 4.91 -5.09 0.27
N HIS A 14 4.35 -3.90 0.40
CA HIS A 14 4.19 -3.21 1.66
C HIS A 14 3.40 -4.05 2.66
N HIS A 15 2.37 -4.77 2.21
CA HIS A 15 1.63 -5.69 3.05
C HIS A 15 2.29 -7.06 3.15
N GLN A 16 3.23 -7.42 2.26
CA GLN A 16 3.95 -8.67 2.36
C GLN A 16 4.95 -8.65 3.51
N LYS A 17 5.66 -7.53 3.71
CA LYS A 17 6.52 -7.34 4.85
C LYS A 17 5.72 -6.89 6.08
N NH2 A 18 4.55 -6.27 5.89
HN1 NH2 A 18 3.99 -6.00 6.69
HN2 NH2 A 18 4.21 -6.08 4.95
C ACE B 1 -5.48 19.07 -0.52
O ACE B 1 -6.43 19.36 0.19
CH3 ACE B 1 -4.55 20.16 -1.03
H1 ACE B 1 -3.58 20.08 -0.51
H2 ACE B 1 -4.39 20.04 -2.09
H3 ACE B 1 -4.98 21.14 -0.82
N ASP B 2 -5.20 17.80 -0.87
CA ASP B 2 -5.96 16.64 -0.41
C ASP B 2 -5.71 16.28 1.06
N ALA B 3 -4.67 16.87 1.66
CA ALA B 3 -4.10 16.58 2.97
C ALA B 3 -5.11 16.27 4.08
N GLU B 4 -6.24 16.96 4.12
CA GLU B 4 -7.30 16.78 5.10
C GLU B 4 -7.80 15.35 5.21
N PHE B 5 -7.84 14.58 4.12
CA PHE B 5 -8.14 13.16 4.15
C PHE B 5 -6.93 12.31 3.74
N ARG B 6 -5.98 12.88 2.98
CA ARG B 6 -4.63 12.36 2.84
C ARG B 6 -3.83 12.73 4.09
N ARG B 7 -4.30 12.20 5.23
CA ARG B 7 -3.81 12.37 6.56
C ARG B 7 -2.51 11.60 6.75
N ASP B 8 -1.48 12.23 7.31
CA ASP B 8 -0.27 11.53 7.75
C ASP B 8 -0.54 10.58 8.90
N SER B 9 -1.63 10.78 9.67
CA SER B 9 -2.00 10.00 10.84
C SER B 9 -2.28 8.52 10.54
N GLY B 10 -2.41 8.10 9.28
CA GLY B 10 -2.40 6.70 8.92
C GLY B 10 -1.07 6.45 8.21
N TYR B 11 -1.05 6.10 6.92
CA TYR B 11 -2.18 5.81 6.05
C TYR B 11 -1.71 5.18 4.75
N GLU B 12 -2.67 4.55 4.08
CA GLU B 12 -2.63 4.26 2.67
C GLU B 12 -4.08 4.35 2.20
N VAL B 13 -4.55 5.60 2.07
CA VAL B 13 -5.93 6.01 1.87
C VAL B 13 -6.63 5.24 0.75
N HIS B 14 -5.91 4.79 -0.28
CA HIS B 14 -6.49 4.12 -1.42
C HIS B 14 -7.18 2.79 -1.06
N HIS B 15 -6.86 2.16 0.08
CA HIS B 15 -7.58 0.96 0.50
C HIS B 15 -7.43 0.60 1.98
N GLN B 16 -6.51 1.20 2.74
CA GLN B 16 -6.30 0.92 4.15
C GLN B 16 -6.75 2.10 5.01
N LYS B 17 -7.20 1.79 6.23
CA LYS B 17 -7.69 2.75 7.20
C LYS B 17 -6.56 3.57 7.84
N NH2 B 18 -5.29 3.18 7.69
HN1 NH2 B 18 -4.56 3.71 8.13
HN2 NH2 B 18 -5.08 2.36 7.15
ZN ZN C . -1.72 -1.13 0.41
C ACE A 1 14.01 -4.37 -3.32
O ACE A 1 14.72 -3.53 -3.84
CH3 ACE A 1 13.00 -3.94 -2.28
H1 ACE A 1 12.00 -4.26 -2.58
H2 ACE A 1 13.26 -4.38 -1.32
H3 ACE A 1 13.01 -2.86 -2.18
N ASP A 2 14.08 -5.67 -3.62
CA ASP A 2 15.07 -6.24 -4.53
C ASP A 2 14.40 -7.13 -5.60
N ALA A 3 15.06 -7.26 -6.75
CA ALA A 3 14.50 -7.71 -8.03
C ALA A 3 13.59 -8.93 -7.93
N GLU A 4 14.07 -10.00 -7.31
CA GLU A 4 13.41 -11.30 -7.23
C GLU A 4 12.05 -11.32 -6.54
N PHE A 5 11.67 -10.25 -5.83
CA PHE A 5 10.35 -10.04 -5.26
C PHE A 5 9.78 -8.66 -5.60
N ARG A 6 10.56 -7.81 -6.28
CA ARG A 6 10.04 -6.72 -7.09
C ARG A 6 9.57 -7.28 -8.45
N ARG A 7 8.74 -8.33 -8.38
CA ARG A 7 8.23 -9.10 -9.50
C ARG A 7 6.88 -8.53 -9.94
N ASP A 8 6.47 -8.85 -11.15
CA ASP A 8 5.18 -8.45 -11.70
C ASP A 8 3.99 -9.24 -11.14
N SER A 9 4.22 -10.44 -10.59
CA SER A 9 3.17 -11.39 -10.26
C SER A 9 2.24 -10.99 -9.11
N GLY A 10 2.41 -9.83 -8.47
CA GLY A 10 1.56 -9.36 -7.40
C GLY A 10 0.88 -8.06 -7.86
N TYR A 11 0.87 -6.99 -7.06
CA TYR A 11 1.52 -6.87 -5.77
C TYR A 11 1.00 -5.66 -5.00
N GLU A 12 1.27 -5.74 -3.69
CA GLU A 12 1.75 -4.62 -2.94
C GLU A 12 2.83 -5.21 -2.02
N VAL A 13 4.09 -5.02 -2.43
CA VAL A 13 5.28 -5.57 -1.79
C VAL A 13 5.36 -5.15 -0.32
N HIS A 14 4.76 -4.00 0.02
CA HIS A 14 4.78 -3.45 1.35
C HIS A 14 4.16 -4.41 2.37
N HIS A 15 3.07 -5.12 2.05
CA HIS A 15 2.48 -6.03 3.02
C HIS A 15 3.20 -7.37 3.06
N GLN A 16 3.65 -7.89 1.91
CA GLN A 16 4.29 -9.20 1.85
C GLN A 16 5.66 -9.22 2.49
N LYS A 17 6.41 -8.13 2.37
CA LYS A 17 7.75 -8.03 2.91
C LYS A 17 7.75 -7.29 4.26
N NH2 A 18 6.59 -6.93 4.81
HN1 NH2 A 18 6.58 -6.44 5.68
HN2 NH2 A 18 5.73 -7.14 4.33
C ACE B 1 -4.62 10.60 -1.90
O ACE B 1 -4.10 11.69 -1.71
CH3 ACE B 1 -3.83 9.35 -1.62
H1 ACE B 1 -3.74 9.23 -0.55
H2 ACE B 1 -4.31 8.47 -2.05
H3 ACE B 1 -2.84 9.47 -2.05
N ASP B 2 -5.88 10.44 -2.35
CA ASP B 2 -6.76 11.55 -2.69
C ASP B 2 -7.11 12.36 -1.45
N ALA B 3 -7.30 13.67 -1.66
CA ALA B 3 -7.49 14.63 -0.59
C ALA B 3 -8.67 14.27 0.30
N GLU B 4 -9.80 13.88 -0.31
CA GLU B 4 -11.03 13.43 0.34
C GLU B 4 -10.85 12.24 1.28
N PHE B 5 -9.76 11.48 1.18
CA PHE B 5 -9.41 10.39 2.09
C PHE B 5 -8.16 10.64 2.92
N ARG B 6 -7.35 11.65 2.58
CA ARG B 6 -6.27 12.17 3.42
C ARG B 6 -6.88 13.09 4.49
N ARG B 7 -7.83 12.55 5.26
CA ARG B 7 -8.66 13.29 6.21
C ARG B 7 -8.09 13.33 7.62
N ASP B 8 -7.05 12.53 7.92
CA ASP B 8 -6.68 12.19 9.28
C ASP B 8 -5.35 11.41 9.28
N SER B 9 -4.72 11.29 10.46
CA SER B 9 -3.47 10.56 10.60
C SER B 9 -3.64 9.13 10.13
N GLY B 10 -2.74 8.66 9.27
CA GLY B 10 -2.71 7.32 8.73
C GLY B 10 -1.34 7.13 8.08
N TYR B 11 -1.24 6.73 6.82
CA TYR B 11 -2.29 6.28 5.94
C TYR B 11 -1.69 5.41 4.84
N GLU B 12 -2.55 4.64 4.19
CA GLU B 12 -2.28 4.08 2.89
C GLU B 12 -3.60 4.09 2.13
N VAL B 13 -4.04 5.30 1.76
CA VAL B 13 -5.38 5.65 1.28
C VAL B 13 -5.87 4.79 0.12
N HIS B 14 -4.99 4.10 -0.61
CA HIS B 14 -5.43 3.17 -1.64
C HIS B 14 -6.31 2.04 -1.08
N HIS B 15 -6.30 1.73 0.23
CA HIS B 15 -7.24 0.79 0.85
C HIS B 15 -8.50 1.48 1.38
N GLN B 16 -8.41 2.74 1.79
CA GLN B 16 -9.53 3.53 2.26
C GLN B 16 -10.48 3.87 1.10
N LYS B 17 -9.92 4.23 -0.06
CA LYS B 17 -10.59 4.80 -1.22
C LYS B 17 -11.79 3.98 -1.71
N NH2 B 18 -12.88 4.66 -2.08
HN1 NH2 B 18 -13.68 4.15 -2.42
HN2 NH2 B 18 -12.90 5.65 -2.01
ZN ZN C . -1.36 -1.56 1.28
C ACE A 1 12.88 -10.03 2.89
O ACE A 1 11.82 -10.63 2.71
CH3 ACE A 1 13.89 -10.55 3.91
H1 ACE A 1 14.06 -9.77 4.66
H2 ACE A 1 13.51 -11.44 4.40
H3 ACE A 1 14.83 -10.77 3.41
N ASP A 2 13.20 -8.93 2.22
CA ASP A 2 12.36 -8.32 1.21
C ASP A 2 12.38 -9.12 -0.09
N ALA A 3 13.54 -9.69 -0.45
CA ALA A 3 13.86 -10.08 -1.83
C ALA A 3 12.92 -11.14 -2.38
N GLU A 4 12.52 -12.10 -1.55
CA GLU A 4 11.51 -13.11 -1.87
C GLU A 4 10.15 -12.53 -2.24
N PHE A 5 9.84 -11.29 -1.83
CA PHE A 5 8.60 -10.58 -2.16
C PHE A 5 8.78 -9.57 -3.29
N ARG A 6 10.02 -9.19 -3.62
CA ARG A 6 10.34 -8.30 -4.74
C ARG A 6 10.14 -8.97 -6.11
N ARG A 7 9.32 -10.03 -6.16
CA ARG A 7 8.88 -10.73 -7.34
C ARG A 7 7.89 -9.88 -8.12
N ASP A 8 7.73 -10.19 -9.41
CA ASP A 8 6.71 -9.63 -10.29
C ASP A 8 5.29 -10.11 -9.95
N SER A 9 5.17 -11.28 -9.32
CA SER A 9 3.92 -11.99 -9.10
C SER A 9 3.09 -11.41 -7.94
N GLY A 10 2.66 -10.14 -8.04
CA GLY A 10 1.68 -9.55 -7.16
C GLY A 10 1.36 -8.17 -7.75
N TYR A 11 1.52 -7.06 -7.04
CA TYR A 11 2.01 -6.96 -5.69
C TYR A 11 1.78 -5.57 -5.12
N GLU A 12 1.60 -5.53 -3.79
CA GLU A 12 1.99 -4.42 -2.96
C GLU A 12 2.76 -4.98 -1.76
N VAL A 13 4.08 -5.12 -1.92
CA VAL A 13 5.02 -5.80 -1.03
C VAL A 13 5.03 -5.23 0.40
N HIS A 14 4.56 -3.99 0.60
CA HIS A 14 4.56 -3.38 1.91
C HIS A 14 3.70 -4.18 2.89
N HIS A 15 2.56 -4.70 2.41
CA HIS A 15 1.69 -5.55 3.21
C HIS A 15 2.27 -6.95 3.39
N GLN A 16 3.11 -7.42 2.48
CA GLN A 16 3.71 -8.73 2.55
C GLN A 16 4.71 -8.82 3.69
N LYS A 17 5.54 -7.79 3.86
CA LYS A 17 6.63 -7.71 4.83
C LYS A 17 6.11 -7.70 6.27
N NH2 A 18 6.86 -8.27 7.21
HN1 NH2 A 18 6.56 -8.28 8.17
HN2 NH2 A 18 7.74 -8.71 6.96
C ACE B 1 -14.31 13.20 2.71
O ACE B 1 -13.96 13.37 3.87
CH3 ACE B 1 -15.63 13.78 2.23
H1 ACE B 1 -16.42 13.06 2.43
H2 ACE B 1 -15.83 14.72 2.76
H3 ACE B 1 -15.59 13.98 1.16
N ASP B 2 -13.58 12.52 1.81
CA ASP B 2 -12.39 11.71 2.13
C ASP B 2 -11.22 12.49 2.70
N ALA B 3 -11.34 13.81 2.73
CA ALA B 3 -10.60 14.74 3.58
C ALA B 3 -10.41 14.17 4.99
N GLU B 4 -11.46 13.56 5.56
CA GLU B 4 -11.43 12.87 6.84
C GLU B 4 -10.42 11.73 6.91
N PHE B 5 -10.01 11.14 5.78
CA PHE B 5 -8.96 10.13 5.73
C PHE B 5 -7.63 10.69 5.24
N ARG B 6 -7.60 11.91 4.68
CA ARG B 6 -6.38 12.59 4.29
C ARG B 6 -5.64 13.17 5.51
N ARG B 7 -5.81 12.56 6.69
CA ARG B 7 -5.14 12.87 7.92
C ARG B 7 -3.70 12.37 7.89
N ASP B 8 -2.83 12.97 8.69
CA ASP B 8 -1.46 12.52 8.89
C ASP B 8 -1.38 11.15 9.59
N SER B 9 -2.49 10.69 10.18
CA SER B 9 -2.55 9.61 11.16
C SER B 9 -2.14 8.22 10.69
N GLY B 10 -2.02 7.96 9.39
CA GLY B 10 -1.70 6.65 8.84
C GLY B 10 -0.51 6.82 7.92
N TYR B 11 -0.55 6.38 6.66
CA TYR B 11 -1.73 5.96 5.94
C TYR B 11 -1.35 5.33 4.61
N GLU B 12 -2.26 4.49 4.15
CA GLU B 12 -2.52 4.24 2.75
C GLU B 12 -4.04 4.29 2.59
N VAL B 13 -4.53 5.48 2.22
CA VAL B 13 -5.95 5.82 2.19
C VAL B 13 -6.70 5.02 1.13
N HIS B 14 -6.08 4.76 -0.03
CA HIS B 14 -6.80 4.33 -1.22
C HIS B 14 -7.37 2.91 -1.10
N HIS B 15 -6.86 2.09 -0.19
CA HIS B 15 -7.52 0.86 0.24
C HIS B 15 -7.22 0.63 1.73
N GLN B 16 -7.49 1.67 2.53
CA GLN B 16 -7.33 1.68 3.97
C GLN B 16 -8.08 0.55 4.66
N LYS B 17 -7.71 0.28 5.91
CA LYS B 17 -8.33 -0.75 6.73
C LYS B 17 -9.65 -0.28 7.35
N NH2 B 18 -10.42 -1.20 7.90
HN1 NH2 B 18 -11.30 -0.94 8.33
HN2 NH2 B 18 -10.13 -2.17 7.90
ZN ZN C . -1.75 -1.16 0.21
C ACE A 1 11.43 -6.43 1.64
O ACE A 1 12.22 -6.20 2.55
CH3 ACE A 1 9.95 -6.17 1.84
H1 ACE A 1 9.37 -7.04 1.51
H2 ACE A 1 9.73 -5.97 2.88
H3 ACE A 1 9.66 -5.30 1.24
N ASP A 2 11.79 -6.92 0.45
CA ASP A 2 13.13 -7.39 0.09
C ASP A 2 13.15 -7.81 -1.39
N ALA A 3 14.35 -8.05 -1.96
CA ALA A 3 14.58 -8.46 -3.34
C ALA A 3 13.69 -9.62 -3.79
N GLU A 4 13.60 -10.68 -2.99
CA GLU A 4 12.75 -11.85 -3.27
C GLU A 4 11.25 -11.57 -3.22
N PHE A 5 10.84 -10.35 -2.84
CA PHE A 5 9.47 -9.88 -2.93
C PHE A 5 9.30 -8.77 -3.96
N ARG A 6 10.39 -8.15 -4.43
CA ARG A 6 10.36 -7.18 -5.53
C ARG A 6 10.17 -7.88 -6.89
N ARG A 7 9.37 -8.95 -6.92
CA ARG A 7 9.07 -9.78 -8.07
C ARG A 7 7.97 -9.16 -8.93
N ASP A 8 7.83 -9.68 -10.16
CA ASP A 8 6.91 -9.14 -11.15
C ASP A 8 5.46 -9.55 -10.89
N SER A 9 5.21 -10.71 -10.27
CA SER A 9 3.88 -11.27 -10.10
C SER A 9 3.19 -10.73 -8.84
N GLY A 10 2.92 -9.42 -8.77
CA GLY A 10 2.14 -8.81 -7.71
C GLY A 10 1.81 -7.39 -8.14
N TYR A 11 2.03 -6.37 -7.30
CA TYR A 11 2.53 -6.45 -5.95
C TYR A 11 2.29 -5.12 -5.22
N GLU A 12 2.00 -5.19 -3.93
CA GLU A 12 2.21 -4.12 -2.98
C GLU A 12 3.01 -4.73 -1.82
N VAL A 13 4.31 -4.87 -2.06
CA VAL A 13 5.27 -5.75 -1.39
C VAL A 13 5.25 -5.68 0.12
N HIS A 14 5.06 -4.50 0.71
CA HIS A 14 5.25 -4.35 2.13
C HIS A 14 4.19 -5.14 2.93
N HIS A 15 3.00 -5.40 2.34
CA HIS A 15 1.97 -6.23 2.95
C HIS A 15 2.29 -7.71 2.95
N GLN A 16 3.33 -8.17 2.24
CA GLN A 16 3.71 -9.58 2.21
C GLN A 16 4.09 -10.08 3.60
N LYS A 17 4.63 -9.20 4.44
CA LYS A 17 4.89 -9.46 5.86
C LYS A 17 3.62 -9.79 6.65
N NH2 A 18 2.45 -9.34 6.23
HN1 NH2 A 18 2.39 -8.79 5.39
HN2 NH2 A 18 1.61 -9.57 6.75
C ACE B 1 -11.93 8.88 -3.35
O ACE B 1 -11.20 9.16 -4.29
CH3 ACE B 1 -12.23 7.42 -3.07
H1 ACE B 1 -13.27 7.32 -2.73
H2 ACE B 1 -12.10 6.84 -3.97
H3 ACE B 1 -11.55 7.06 -2.30
N ASP B 2 -12.49 9.82 -2.57
CA ASP B 2 -12.40 11.25 -2.84
C ASP B 2 -11.35 11.95 -1.97
N ALA B 3 -11.04 13.22 -2.30
CA ALA B 3 -9.98 14.00 -1.67
C ALA B 3 -10.05 14.05 -0.16
N GLU B 4 -11.25 14.27 0.40
CA GLU B 4 -11.44 14.61 1.80
C GLU B 4 -10.84 13.59 2.77
N PHE B 5 -10.86 12.30 2.45
CA PHE B 5 -10.22 11.26 3.24
C PHE B 5 -8.94 10.70 2.60
N ARG B 6 -8.60 11.13 1.37
CA ARG B 6 -7.27 11.02 0.78
C ARG B 6 -6.34 12.00 1.51
N ARG B 7 -5.88 11.59 2.69
CA ARG B 7 -5.17 12.40 3.67
C ARG B 7 -3.80 11.81 3.98
N ASP B 8 -2.91 12.66 4.48
CA ASP B 8 -1.53 12.28 4.77
C ASP B 8 -1.37 11.60 6.13
N SER B 9 -2.21 11.96 7.12
CA SER B 9 -2.00 11.62 8.52
C SER B 9 -2.42 10.18 8.83
N GLY B 10 -1.61 9.19 8.43
CA GLY B 10 -1.81 7.79 8.73
C GLY B 10 -0.56 7.06 8.24
N TYR B 11 -0.57 6.35 7.10
CA TYR B 11 -1.72 5.98 6.29
C TYR B 11 -1.31 4.97 5.23
N GLU B 12 -2.30 4.22 4.77
CA GLU B 12 -2.47 3.95 3.35
C GLU B 12 -3.96 4.04 3.01
N VAL B 13 -4.40 5.20 2.52
CA VAL B 13 -5.82 5.52 2.35
C VAL B 13 -6.51 4.54 1.39
N HIS B 14 -5.78 4.03 0.40
CA HIS B 14 -6.34 3.37 -0.75
C HIS B 14 -7.11 2.07 -0.42
N HIS B 15 -6.95 1.53 0.80
CA HIS B 15 -7.69 0.34 1.22
C HIS B 15 -8.95 0.64 2.04
N GLN B 16 -9.21 1.86 2.52
CA GLN B 16 -10.42 2.18 3.28
C GLN B 16 -11.51 2.80 2.41
N LYS B 17 -12.73 2.84 2.96
CA LYS B 17 -13.91 3.47 2.39
C LYS B 17 -13.90 4.97 2.61
N NH2 B 18 -14.62 5.71 1.78
HN1 NH2 B 18 -14.67 6.71 1.92
HN2 NH2 B 18 -15.18 5.27 1.06
ZN ZN C . -1.58 -1.33 0.66
#